data_3L9H
#
_entry.id   3L9H
#
_cell.length_a   160.950
_cell.length_b   79.718
_cell.length_c   69.513
_cell.angle_alpha   90.00
_cell.angle_beta   96.88
_cell.angle_gamma   90.00
#
_symmetry.space_group_name_H-M   'C 1 2 1'
#
loop_
_entity.id
_entity.type
_entity.pdbx_description
1 polymer 'Kinesin-like protein KIF11'
2 non-polymer "ADENOSINE-5'-DIPHOSPHATE"
3 non-polymer 1-[2-(dimethylamino)ethyl]-3-{[(2R,4aS,5R,10bS)-5-phenyl-9-(trifluoromethyl)-3,4,4a,5,6,10b-hexahydro-2H-pyrano[3,2-c]quinolin-2-yl]methyl}urea
4 water water
#
_entity_poly.entity_id   1
_entity_poly.type   'polypeptide(L)'
_entity_poly.pdbx_seq_one_letter_code
;MASQPNSSAKKKEEKGKNIQVVVRCRPFNLAERKASAHSIVECDPVRKEVSVRTGGLADKSSRKTYTFDMVFGASTKQID
VYRSVVCPILDEVIMGYNCTIFAYGQTGTGKTFTMEGERSPNEEYTWEEDPLAGIIPRTLHQIFEKLTDNGTEFSVKVSL
LEIYNEELFDLLNPSSDVSERLQMFDDPRNKRGVIIKGLEEITVHNKDEVYQILEKGAAKRTTAATLMNAYSSRSHSVFS
VTIHMKETTIDGEELVKIGKLNLVDLAGSENIGRSGAVDKRAREAGNINQSLLTLGRVITALVERTPHVPYRESKLTRIL
QDSLGGRTRTSIIATISPASLNLEETLSTLEYAHRAKNILNKPEVNQK
;
_entity_poly.pdbx_strand_id   A,B
#
loop_
_chem_comp.id
_chem_comp.type
_chem_comp.name
_chem_comp.formula
ADP non-polymer ADENOSINE-5'-DIPHOSPHATE 'C10 H15 N5 O10 P2'
EMQ non-polymer 1-[2-(dimethylamino)ethyl]-3-{[(2R,4aS,5R,10bS)-5-phenyl-9-(trifluoromethyl)-3,4,4a,5,6,10b-hexahydro-2H-pyrano[3,2-c]quinolin-2-yl]methyl}urea 'C25 H31 F3 N4 O2'
#
# COMPACT_ATOMS: atom_id res chain seq x y z
N GLY A 16 30.57 5.56 30.13
CA GLY A 16 29.41 5.99 29.28
C GLY A 16 28.34 4.93 29.10
N LYS A 17 27.86 4.78 27.88
CA LYS A 17 26.82 3.80 27.54
C LYS A 17 26.96 3.38 26.08
N ASN A 18 27.55 2.21 25.86
CA ASN A 18 27.73 1.70 24.51
C ASN A 18 26.39 1.49 23.82
N ILE A 19 26.38 1.61 22.49
CA ILE A 19 25.14 1.41 21.74
C ILE A 19 24.73 -0.04 21.97
N GLN A 20 23.45 -0.26 22.25
CA GLN A 20 22.95 -1.60 22.48
C GLN A 20 22.49 -2.23 21.17
N VAL A 21 22.96 -3.45 20.89
CA VAL A 21 22.61 -4.11 19.64
C VAL A 21 21.91 -5.45 19.84
N VAL A 22 20.77 -5.63 19.19
CA VAL A 22 20.05 -6.89 19.29
C VAL A 22 19.73 -7.43 17.92
N VAL A 23 19.70 -8.75 17.81
CA VAL A 23 19.40 -9.37 16.53
C VAL A 23 18.05 -10.03 16.57
N ARG A 24 17.31 -9.91 15.46
CA ARG A 24 16.00 -10.56 15.38
C ARG A 24 15.94 -11.35 14.08
N CYS A 25 15.78 -12.67 14.20
CA CYS A 25 15.66 -13.54 13.05
C CYS A 25 14.18 -13.81 12.86
N ARG A 26 13.70 -13.62 11.64
CA ARG A 26 12.28 -13.87 11.38
C ARG A 26 12.08 -15.34 11.02
N PRO A 27 10.83 -15.82 11.06
CA PRO A 27 10.56 -17.21 10.73
C PRO A 27 10.54 -17.45 9.22
N PHE A 28 10.27 -18.69 8.84
CA PHE A 28 10.16 -19.08 7.45
C PHE A 28 8.76 -18.68 7.00
N ASN A 29 8.64 -18.04 5.84
CA ASN A 29 7.32 -17.64 5.37
C ASN A 29 6.56 -18.86 4.85
N LEU A 30 5.28 -18.68 4.54
CA LEU A 30 4.46 -19.78 4.04
C LEU A 30 5.02 -20.33 2.73
N ALA A 31 5.65 -19.45 1.95
CA ALA A 31 6.23 -19.84 0.66
C ALA A 31 7.65 -20.37 0.83
N GLU A 32 7.99 -20.76 2.06
CA GLU A 32 9.30 -21.33 2.37
C GLU A 32 9.09 -22.70 3.01
N ARG A 33 8.12 -22.79 3.91
CA ARG A 33 7.81 -24.04 4.59
C ARG A 33 7.33 -25.14 3.64
N LYS A 34 6.59 -24.74 2.60
CA LYS A 34 6.09 -25.70 1.62
C LYS A 34 7.27 -26.40 0.94
N ALA A 35 8.41 -25.71 0.90
CA ALA A 35 9.61 -26.25 0.28
C ALA A 35 10.48 -26.95 1.31
N SER A 36 10.01 -26.94 2.56
CA SER A 36 10.76 -27.55 3.66
C SER A 36 12.18 -27.00 3.62
N ALA A 37 12.29 -25.68 3.73
CA ALA A 37 13.58 -25.00 3.70
C ALA A 37 14.39 -25.31 4.95
N HIS A 38 15.69 -25.52 4.78
CA HIS A 38 16.56 -25.79 5.92
C HIS A 38 17.18 -24.47 6.38
N SER A 39 17.06 -24.20 7.68
CA SER A 39 17.59 -22.97 8.26
C SER A 39 19.09 -23.08 8.49
N ILE A 40 19.79 -21.99 8.25
CA ILE A 40 21.23 -21.94 8.46
C ILE A 40 21.51 -21.08 9.68
N VAL A 41 20.42 -20.63 10.32
CA VAL A 41 20.53 -19.76 11.48
C VAL A 41 20.00 -20.36 12.79
N GLU A 42 20.84 -20.32 13.82
CA GLU A 42 20.46 -20.83 15.14
C GLU A 42 20.62 -19.72 16.17
N CYS A 43 19.54 -19.47 16.91
CA CYS A 43 19.55 -18.43 17.93
C CYS A 43 19.50 -19.02 19.33
N ASP A 44 20.22 -18.39 20.25
CA ASP A 44 20.27 -18.81 21.64
C ASP A 44 20.28 -17.54 22.50
N PRO A 45 19.09 -17.07 22.90
CA PRO A 45 18.86 -15.89 23.72
C PRO A 45 19.62 -15.87 25.04
N VAL A 46 19.62 -17.00 25.73
CA VAL A 46 20.28 -17.09 27.02
C VAL A 46 21.77 -16.82 26.87
N ARG A 47 22.34 -17.29 25.77
CA ARG A 47 23.76 -17.08 25.52
C ARG A 47 23.95 -15.79 24.70
N LYS A 48 22.83 -15.17 24.33
CA LYS A 48 22.87 -13.93 23.54
C LYS A 48 23.71 -14.14 22.30
N GLU A 49 23.58 -15.32 21.67
CA GLU A 49 24.35 -15.61 20.48
C GLU A 49 23.48 -15.97 19.29
N VAL A 50 24.08 -15.85 18.11
CA VAL A 50 23.44 -16.19 16.86
C VAL A 50 24.52 -16.94 16.08
N SER A 51 24.20 -18.17 15.69
CA SER A 51 25.15 -19.01 14.96
C SER A 51 24.69 -19.21 13.53
N VAL A 52 25.62 -19.09 12.58
CA VAL A 52 25.31 -19.25 11.17
C VAL A 52 26.11 -20.35 10.49
N ARG A 53 25.41 -21.23 9.76
CA ARG A 53 26.07 -22.31 9.04
C ARG A 53 26.66 -21.70 7.77
N THR A 54 27.99 -21.77 7.62
CA THR A 54 28.67 -21.21 6.46
C THR A 54 29.08 -22.22 5.39
N GLY A 55 28.70 -23.48 5.59
CA GLY A 55 29.05 -24.50 4.62
C GLY A 55 29.08 -25.89 5.25
N GLY A 56 29.17 -26.91 4.41
CA GLY A 56 29.21 -28.29 4.91
C GLY A 56 27.87 -28.99 4.80
N LEU A 57 27.51 -29.75 5.83
CA LEU A 57 26.26 -30.48 5.85
C LEU A 57 25.55 -30.30 7.20
N ALA A 58 24.38 -30.89 7.33
CA ALA A 58 23.61 -30.80 8.57
C ALA A 58 24.10 -31.88 9.52
N ASP A 59 24.97 -32.74 9.02
CA ASP A 59 25.56 -33.83 9.79
C ASP A 59 26.95 -33.39 10.23
N LYS A 60 27.50 -32.44 9.50
CA LYS A 60 28.83 -31.92 9.76
C LYS A 60 28.94 -30.55 9.08
N SER A 61 29.44 -29.55 9.80
CA SER A 61 29.56 -28.23 9.21
C SER A 61 30.28 -27.20 10.08
N SER A 62 30.68 -26.11 9.45
CA SER A 62 31.36 -25.02 10.12
C SER A 62 30.33 -23.91 10.32
N ARG A 63 30.55 -23.08 11.32
CA ARG A 63 29.62 -22.00 11.62
C ARG A 63 30.37 -20.80 12.16
N LYS A 64 29.74 -19.63 12.05
CA LYS A 64 30.30 -18.39 12.57
C LYS A 64 29.36 -17.96 13.67
N THR A 65 29.89 -17.55 14.82
CA THR A 65 29.06 -17.13 15.92
C THR A 65 29.31 -15.69 16.31
N TYR A 66 28.29 -15.04 16.84
CA TYR A 66 28.38 -13.66 17.27
C TYR A 66 27.57 -13.49 18.54
N THR A 67 28.05 -12.63 19.43
CA THR A 67 27.34 -12.34 20.67
C THR A 67 26.86 -10.91 20.59
N PHE A 68 25.61 -10.69 21.01
CA PHE A 68 25.04 -9.35 20.98
C PHE A 68 24.42 -9.07 22.33
N ASP A 69 23.92 -7.86 22.52
CA ASP A 69 23.29 -7.50 23.79
C ASP A 69 22.02 -8.31 24.01
N MET A 70 21.39 -8.71 22.92
CA MET A 70 20.19 -9.53 22.98
C MET A 70 19.99 -10.23 21.64
N VAL A 71 19.29 -11.35 21.68
CA VAL A 71 19.03 -12.10 20.47
C VAL A 71 17.64 -12.71 20.56
N PHE A 72 16.87 -12.55 19.49
CA PHE A 72 15.52 -13.06 19.40
C PHE A 72 15.43 -13.97 18.18
N GLY A 73 14.79 -15.13 18.35
CA GLY A 73 14.64 -16.07 17.25
C GLY A 73 13.27 -16.00 16.59
N ALA A 74 13.09 -16.84 15.58
CA ALA A 74 11.84 -16.91 14.81
C ALA A 74 10.56 -16.94 15.63
N SER A 75 10.61 -17.54 16.82
CA SER A 75 9.41 -17.64 17.64
C SER A 75 9.02 -16.36 18.37
N THR A 76 9.90 -15.37 18.38
CA THR A 76 9.62 -14.11 19.08
C THR A 76 8.38 -13.39 18.57
N LYS A 77 7.55 -12.94 19.49
CA LYS A 77 6.33 -12.22 19.15
C LYS A 77 6.62 -10.72 19.31
N GLN A 78 5.71 -9.89 18.81
CA GLN A 78 5.86 -8.44 18.90
C GLN A 78 5.87 -7.99 20.35
N ILE A 79 5.08 -8.65 21.18
CA ILE A 79 5.00 -8.30 22.60
C ILE A 79 6.33 -8.56 23.28
N ASP A 80 7.00 -9.64 22.89
CA ASP A 80 8.30 -9.97 23.46
C ASP A 80 9.32 -8.85 23.20
N VAL A 81 9.34 -8.38 21.96
CA VAL A 81 10.24 -7.32 21.57
C VAL A 81 9.94 -6.04 22.37
N TYR A 82 8.68 -5.68 22.44
CA TYR A 82 8.31 -4.46 23.14
C TYR A 82 8.65 -4.48 24.63
N ARG A 83 8.30 -5.58 25.30
CA ARG A 83 8.57 -5.70 26.72
C ARG A 83 10.05 -5.68 27.07
N SER A 84 10.86 -6.43 26.34
CA SER A 84 12.28 -6.48 26.65
C SER A 84 13.18 -5.35 26.14
N VAL A 85 12.84 -4.73 25.02
CA VAL A 85 13.70 -3.65 24.54
C VAL A 85 13.08 -2.25 24.54
N VAL A 86 11.83 -2.13 24.11
CA VAL A 86 11.21 -0.82 24.05
C VAL A 86 10.74 -0.21 25.37
N CYS A 87 10.06 -0.99 26.19
CA CYS A 87 9.55 -0.48 27.46
C CYS A 87 10.62 0.27 28.26
N PRO A 88 11.80 -0.34 28.44
CA PRO A 88 12.85 0.33 29.19
C PRO A 88 13.24 1.66 28.54
N ILE A 89 13.37 1.64 27.21
CA ILE A 89 13.74 2.84 26.48
C ILE A 89 12.69 3.93 26.58
N LEU A 90 11.42 3.55 26.47
CA LEU A 90 10.35 4.52 26.56
C LEU A 90 10.35 5.18 27.95
N ASP A 91 10.70 4.42 28.98
CA ASP A 91 10.72 4.98 30.32
C ASP A 91 11.76 6.10 30.39
N GLU A 92 12.93 5.90 29.76
CA GLU A 92 13.96 6.95 29.78
C GLU A 92 13.41 8.17 29.05
N VAL A 93 12.69 7.93 27.96
CA VAL A 93 12.12 9.03 27.21
C VAL A 93 11.17 9.82 28.12
N ILE A 94 10.35 9.09 28.88
CA ILE A 94 9.40 9.73 29.80
C ILE A 94 10.14 10.54 30.87
N MET A 95 11.33 10.11 31.24
CA MET A 95 12.13 10.82 32.24
C MET A 95 12.64 12.13 31.67
N GLY A 96 12.40 12.35 30.37
CA GLY A 96 12.86 13.57 29.74
C GLY A 96 14.17 13.45 29.00
N TYR A 97 14.46 12.25 28.48
CA TYR A 97 15.69 12.00 27.73
C TYR A 97 15.40 11.76 26.26
N ASN A 98 16.47 11.71 25.46
CA ASN A 98 16.35 11.47 24.03
C ASN A 98 16.81 10.07 23.71
N CYS A 99 16.01 9.35 22.95
CA CYS A 99 16.34 7.98 22.58
C CYS A 99 16.09 7.69 21.10
N THR A 100 16.89 6.78 20.54
CA THR A 100 16.76 6.40 19.14
C THR A 100 16.91 4.89 18.94
N ILE A 101 16.06 4.33 18.09
CA ILE A 101 16.13 2.91 17.79
C ILE A 101 16.16 2.76 16.28
N PHE A 102 17.21 2.10 15.79
CA PHE A 102 17.43 1.83 14.39
C PHE A 102 17.01 0.39 14.07
N ALA A 103 16.50 0.18 12.85
CA ALA A 103 16.15 -1.15 12.35
C ALA A 103 17.08 -1.28 11.13
N TYR A 104 17.95 -2.28 11.13
CA TYR A 104 18.91 -2.47 10.06
C TYR A 104 18.94 -3.91 9.54
N GLY A 105 19.02 -4.05 8.22
CA GLY A 105 19.05 -5.38 7.64
C GLY A 105 18.59 -5.43 6.20
N GLN A 106 18.70 -6.61 5.61
CA GLN A 106 18.32 -6.85 4.23
C GLN A 106 16.82 -6.68 4.02
N THR A 107 16.44 -6.22 2.83
CA THR A 107 15.05 -6.04 2.49
C THR A 107 14.33 -7.37 2.68
N GLY A 108 13.16 -7.32 3.32
CA GLY A 108 12.37 -8.53 3.56
C GLY A 108 12.65 -9.29 4.83
N THR A 109 13.59 -8.80 5.65
CA THR A 109 13.95 -9.48 6.88
C THR A 109 13.15 -9.11 8.13
N GLY A 110 12.39 -8.01 8.08
CA GLY A 110 11.58 -7.64 9.24
C GLY A 110 11.70 -6.24 9.83
N LYS A 111 12.32 -5.31 9.11
CA LYS A 111 12.49 -3.96 9.63
C LYS A 111 11.16 -3.26 9.87
N THR A 112 10.32 -3.23 8.84
CA THR A 112 9.01 -2.61 8.95
C THR A 112 8.12 -3.40 9.89
N PHE A 113 8.20 -4.72 9.82
CA PHE A 113 7.37 -5.56 10.68
C PHE A 113 7.65 -5.20 12.14
N THR A 114 8.93 -5.13 12.48
CA THR A 114 9.35 -4.82 13.84
C THR A 114 9.00 -3.41 14.32
N MET A 115 9.33 -2.42 13.50
CA MET A 115 9.11 -1.01 13.84
C MET A 115 7.66 -0.54 13.80
N GLU A 116 6.91 -1.07 12.84
CA GLU A 116 5.53 -0.69 12.63
C GLU A 116 4.52 -1.82 12.83
N GLY A 117 4.89 -3.02 12.39
CA GLY A 117 3.99 -4.14 12.50
C GLY A 117 2.92 -4.04 11.41
N GLU A 118 1.94 -4.93 11.45
CA GLU A 118 0.87 -4.93 10.46
C GLU A 118 -0.46 -5.39 11.07
N ARG A 119 -1.53 -5.35 10.28
CA ARG A 119 -2.83 -5.78 10.80
C ARG A 119 -3.02 -7.26 10.55
N SER A 120 -3.53 -7.96 11.55
CA SER A 120 -3.79 -9.38 11.37
C SER A 120 -4.89 -9.44 10.32
N PRO A 121 -4.88 -10.49 9.49
CA PRO A 121 -5.86 -10.70 8.43
C PRO A 121 -7.31 -10.84 8.87
N ASN A 122 -8.22 -10.51 7.95
CA ASN A 122 -9.65 -10.65 8.15
C ASN A 122 -10.25 -9.89 9.34
N GLU A 123 -9.65 -8.75 9.68
CA GLU A 123 -10.13 -7.95 10.81
C GLU A 123 -10.41 -8.73 12.09
N GLU A 124 -9.46 -9.55 12.54
CA GLU A 124 -9.65 -10.32 13.76
C GLU A 124 -9.71 -9.45 15.01
N TYR A 125 -8.72 -8.57 15.18
CA TYR A 125 -8.67 -7.71 16.35
C TYR A 125 -8.74 -6.25 16.00
N THR A 126 -8.95 -5.43 17.03
CA THR A 126 -8.97 -3.98 16.89
C THR A 126 -7.47 -3.70 16.83
N TRP A 127 -7.08 -2.49 16.44
CA TRP A 127 -5.67 -2.20 16.36
C TRP A 127 -4.96 -2.22 17.71
N GLU A 128 -5.70 -1.96 18.78
CA GLU A 128 -5.10 -1.96 20.12
C GLU A 128 -4.77 -3.37 20.60
N GLU A 129 -5.46 -4.38 20.07
CA GLU A 129 -5.22 -5.74 20.51
C GLU A 129 -4.54 -6.62 19.48
N ASP A 130 -4.31 -6.08 18.29
CA ASP A 130 -3.68 -6.86 17.24
C ASP A 130 -2.26 -7.22 17.65
N PRO A 131 -1.98 -8.52 17.81
CA PRO A 131 -0.67 -9.03 18.21
C PRO A 131 0.43 -8.76 17.19
N LEU A 132 0.05 -8.32 16.00
CA LEU A 132 1.03 -8.06 14.95
C LEU A 132 1.46 -6.60 14.95
N ALA A 133 0.93 -5.84 15.92
CA ALA A 133 1.28 -4.43 16.05
C ALA A 133 2.76 -4.36 16.39
N GLY A 134 3.45 -3.37 15.82
CA GLY A 134 4.87 -3.21 16.07
C GLY A 134 5.22 -2.18 17.12
N ILE A 135 6.47 -1.73 17.13
CA ILE A 135 6.96 -0.77 18.11
C ILE A 135 6.23 0.58 18.14
N ILE A 136 6.03 1.19 16.98
CA ILE A 136 5.38 2.49 16.92
C ILE A 136 3.97 2.53 17.52
N PRO A 137 3.03 1.72 17.00
CA PRO A 137 1.72 1.81 17.63
C PRO A 137 1.76 1.53 19.14
N ARG A 138 2.42 0.44 19.53
CA ARG A 138 2.49 0.08 20.95
C ARG A 138 3.06 1.21 21.79
N THR A 139 4.05 1.92 21.25
CA THR A 139 4.65 3.04 21.97
C THR A 139 3.63 4.16 22.17
N LEU A 140 3.04 4.64 21.09
CA LEU A 140 2.05 5.71 21.22
C LEU A 140 0.98 5.29 22.22
N HIS A 141 0.40 4.10 22.04
CA HIS A 141 -0.64 3.58 22.93
C HIS A 141 -0.22 3.60 24.40
N GLN A 142 0.91 2.98 24.70
CA GLN A 142 1.41 2.92 26.08
C GLN A 142 1.64 4.31 26.65
N ILE A 143 2.13 5.22 25.81
CA ILE A 143 2.37 6.60 26.25
C ILE A 143 1.12 7.19 26.91
N PHE A 144 -0.01 7.10 26.21
CA PHE A 144 -1.28 7.61 26.75
C PHE A 144 -1.81 6.72 27.87
N GLU A 145 -1.13 5.61 28.13
CA GLU A 145 -1.57 4.69 29.16
C GLU A 145 -0.80 4.90 30.46
N LYS A 146 0.50 5.13 30.35
CA LYS A 146 1.34 5.32 31.53
C LYS A 146 1.33 6.77 32.02
N LEU A 147 1.01 7.70 31.14
CA LEU A 147 0.98 9.11 31.53
C LEU A 147 -0.42 9.57 31.93
N THR A 148 -1.43 9.10 31.21
CA THR A 148 -2.81 9.47 31.54
C THR A 148 -3.09 8.84 32.90
N ASP A 149 -2.34 7.80 33.21
CA ASP A 149 -2.47 7.10 34.48
C ASP A 149 -2.11 8.06 35.62
N ASN A 150 -1.01 8.79 35.41
CA ASN A 150 -0.55 9.76 36.40
C ASN A 150 -1.23 11.10 36.11
N GLY A 151 -1.18 12.02 37.05
CA GLY A 151 -1.80 13.31 36.85
C GLY A 151 -0.88 14.20 36.03
N THR A 152 -0.13 13.58 35.12
CA THR A 152 0.80 14.30 34.28
C THR A 152 0.08 15.12 33.21
N GLU A 153 0.49 16.37 33.08
CA GLU A 153 -0.07 17.27 32.07
C GLU A 153 0.87 17.07 30.89
N PHE A 154 0.41 16.37 29.85
CA PHE A 154 1.27 16.11 28.71
C PHE A 154 0.66 16.30 27.34
N SER A 155 1.54 16.44 26.36
CA SER A 155 1.15 16.61 24.97
C SER A 155 2.06 15.71 24.14
N VAL A 156 1.55 15.23 23.01
CA VAL A 156 2.34 14.35 22.14
C VAL A 156 2.29 14.82 20.69
N LYS A 157 3.47 14.91 20.08
CA LYS A 157 3.60 15.31 18.68
C LYS A 157 4.40 14.25 17.94
N VAL A 158 4.01 13.99 16.70
CA VAL A 158 4.70 13.00 15.89
C VAL A 158 5.04 13.60 14.52
N SER A 159 6.12 13.12 13.93
CA SER A 159 6.54 13.54 12.62
C SER A 159 7.16 12.32 11.94
N LEU A 160 6.99 12.26 10.62
CA LEU A 160 7.51 11.15 9.83
C LEU A 160 8.29 11.78 8.69
N LEU A 161 9.61 11.71 8.82
CA LEU A 161 10.52 12.26 7.82
C LEU A 161 11.14 11.11 7.06
N GLU A 162 11.09 11.17 5.74
CA GLU A 162 11.68 10.11 4.94
C GLU A 162 12.71 10.63 3.95
N ILE A 163 13.74 9.81 3.71
CA ILE A 163 14.81 10.19 2.79
C ILE A 163 14.89 9.21 1.63
N TYR A 164 14.76 9.72 0.41
CA TYR A 164 14.88 8.88 -0.78
C TYR A 164 15.78 9.62 -1.74
N ASN A 165 16.86 8.97 -2.14
CA ASN A 165 17.85 9.57 -3.04
C ASN A 165 18.33 10.93 -2.54
N GLU A 166 18.58 11.01 -1.24
CA GLU A 166 19.05 12.24 -0.61
C GLU A 166 18.10 13.42 -0.65
N GLU A 167 16.81 13.14 -0.84
CA GLU A 167 15.79 14.18 -0.83
C GLU A 167 14.88 13.86 0.35
N LEU A 168 14.37 14.91 1.01
CA LEU A 168 13.52 14.78 2.20
C LEU A 168 12.03 14.90 1.93
N PHE A 169 11.24 14.01 2.51
CA PHE A 169 9.79 14.03 2.30
C PHE A 169 9.02 13.94 3.62
N ASP A 170 7.86 14.58 3.65
CA ASP A 170 7.00 14.59 4.83
C ASP A 170 5.88 13.59 4.56
N LEU A 171 5.92 12.46 5.24
CA LEU A 171 4.91 11.44 5.03
C LEU A 171 3.67 11.49 5.93
N LEU A 172 3.50 12.60 6.65
CA LEU A 172 2.33 12.77 7.54
C LEU A 172 1.54 14.04 7.25
N ASN A 173 2.09 14.93 6.40
CA ASN A 173 1.39 16.16 6.06
C ASN A 173 0.20 15.88 5.15
N PRO A 174 -1.02 15.98 5.69
CA PRO A 174 -2.25 15.71 4.93
C PRO A 174 -2.59 16.86 3.98
N SER A 175 -1.81 17.93 4.02
CA SER A 175 -2.06 19.09 3.18
C SER A 175 -1.32 19.03 1.85
N SER A 176 -0.02 18.77 1.89
CA SER A 176 0.78 18.72 0.69
C SER A 176 1.06 17.26 0.30
N ASP A 177 1.25 17.02 -0.99
CA ASP A 177 1.53 15.67 -1.46
C ASP A 177 3.01 15.34 -1.24
N VAL A 178 3.33 14.05 -1.24
CA VAL A 178 4.70 13.59 -1.03
C VAL A 178 5.74 14.24 -1.93
N SER A 179 5.36 14.49 -3.18
CA SER A 179 6.27 15.09 -4.15
C SER A 179 6.91 16.40 -3.67
N GLU A 180 6.30 17.01 -2.67
CA GLU A 180 6.81 18.26 -2.10
C GLU A 180 8.05 17.94 -1.24
N ARG A 181 9.24 18.22 -1.75
CA ARG A 181 10.45 17.93 -0.99
C ARG A 181 10.70 19.02 0.04
N LEU A 182 11.40 18.67 1.12
CA LEU A 182 11.68 19.61 2.20
C LEU A 182 13.13 20.07 2.19
N GLN A 183 13.41 21.15 2.89
CA GLN A 183 14.75 21.72 2.97
C GLN A 183 15.29 21.64 4.40
N MET A 184 16.57 21.32 4.54
CA MET A 184 17.17 21.24 5.87
C MET A 184 18.37 22.18 5.94
N PHE A 185 18.60 22.74 7.13
CA PHE A 185 19.72 23.65 7.33
C PHE A 185 20.32 23.37 8.70
N ASP A 186 21.54 23.84 8.93
CA ASP A 186 22.17 23.66 10.22
C ASP A 186 21.43 24.57 11.20
N ASP A 187 21.28 24.14 12.44
CA ASP A 187 20.57 24.95 13.41
C ASP A 187 21.55 25.98 13.98
N PRO A 188 21.14 27.25 14.04
CA PRO A 188 21.97 28.35 14.56
C PRO A 188 22.60 28.02 15.91
N ARG A 189 21.81 27.42 16.80
CA ARG A 189 22.27 27.05 18.13
C ARG A 189 22.96 25.67 18.09
N ASN A 190 22.25 24.66 18.59
CA ASN A 190 22.73 23.26 18.62
C ASN A 190 23.68 22.93 17.47
N LYS A 191 24.89 22.49 17.79
CA LYS A 191 25.86 22.16 16.75
C LYS A 191 25.66 20.74 16.22
N ARG A 192 24.96 19.91 17.00
CA ARG A 192 24.69 18.54 16.59
C ARG A 192 23.28 18.44 16.03
N GLY A 193 22.64 19.58 15.82
CA GLY A 193 21.28 19.58 15.31
C GLY A 193 21.08 20.37 14.02
N VAL A 194 19.97 20.12 13.35
CA VAL A 194 19.64 20.81 12.12
C VAL A 194 18.20 21.30 12.16
N ILE A 195 17.83 22.09 11.16
CA ILE A 195 16.48 22.63 11.04
C ILE A 195 15.84 22.05 9.78
N ILE A 196 14.66 21.46 9.93
CA ILE A 196 13.95 20.87 8.80
C ILE A 196 12.71 21.70 8.47
N LYS A 197 12.88 22.60 7.51
CA LYS A 197 11.81 23.48 7.07
C LYS A 197 10.65 22.75 6.41
N GLY A 198 9.46 22.90 7.00
CA GLY A 198 8.27 22.27 6.45
C GLY A 198 7.85 20.98 7.11
N LEU A 199 8.73 20.38 7.90
CA LEU A 199 8.37 19.12 8.55
C LEU A 199 7.17 19.27 9.47
N GLU A 200 6.06 18.68 9.05
CA GLU A 200 4.83 18.75 9.82
C GLU A 200 4.90 17.94 11.10
N GLU A 201 4.49 18.57 12.20
CA GLU A 201 4.44 17.91 13.49
C GLU A 201 2.97 17.78 13.84
N ILE A 202 2.51 16.54 14.02
CA ILE A 202 1.11 16.32 14.33
C ILE A 202 0.85 16.00 15.78
N THR A 203 -0.01 16.81 16.39
CA THR A 203 -0.38 16.65 17.78
C THR A 203 -1.34 15.46 17.89
N VAL A 204 -1.07 14.59 18.86
CA VAL A 204 -1.92 13.42 19.08
C VAL A 204 -2.61 13.61 20.43
N HIS A 205 -3.89 13.97 20.39
CA HIS A 205 -4.64 14.23 21.62
C HIS A 205 -4.93 13.01 22.49
N ASN A 206 -5.24 11.87 21.86
CA ASN A 206 -5.53 10.65 22.62
C ASN A 206 -5.32 9.39 21.77
N LYS A 207 -5.11 8.25 22.43
CA LYS A 207 -4.89 7.00 21.72
C LYS A 207 -5.93 6.74 20.64
N ASP A 208 -7.16 7.17 20.90
CA ASP A 208 -8.24 6.97 19.95
C ASP A 208 -8.10 7.91 18.75
N GLU A 209 -6.88 8.39 18.54
CA GLU A 209 -6.58 9.28 17.43
C GLU A 209 -5.27 8.83 16.80
N VAL A 210 -4.63 7.85 17.44
CA VAL A 210 -3.37 7.30 16.98
C VAL A 210 -3.49 6.57 15.65
N TYR A 211 -4.37 5.57 15.61
CA TYR A 211 -4.54 4.76 14.42
C TYR A 211 -4.74 5.61 13.17
N GLN A 212 -5.62 6.59 13.24
CA GLN A 212 -5.89 7.47 12.11
C GLN A 212 -4.64 8.13 11.55
N ILE A 213 -3.79 8.63 12.43
CA ILE A 213 -2.56 9.28 12.00
C ILE A 213 -1.65 8.33 11.23
N LEU A 214 -1.54 7.10 11.73
CA LEU A 214 -0.71 6.08 11.10
C LEU A 214 -1.27 5.64 9.75
N GLU A 215 -2.60 5.56 9.65
CA GLU A 215 -3.22 5.19 8.38
C GLU A 215 -2.88 6.19 7.30
N LYS A 216 -2.87 7.47 7.67
CA LYS A 216 -2.58 8.53 6.71
C LYS A 216 -1.14 8.38 6.23
N GLY A 217 -0.26 7.97 7.13
CA GLY A 217 1.14 7.79 6.77
C GLY A 217 1.28 6.66 5.78
N ALA A 218 0.65 5.53 6.09
CA ALA A 218 0.70 4.36 5.22
C ALA A 218 0.18 4.71 3.85
N ALA A 219 -0.92 5.46 3.81
CA ALA A 219 -1.51 5.86 2.54
C ALA A 219 -0.55 6.72 1.73
N LYS A 220 0.07 7.70 2.39
CA LYS A 220 1.00 8.57 1.69
C LYS A 220 2.18 7.78 1.16
N ARG A 221 2.58 6.75 1.91
CA ARG A 221 3.69 5.94 1.48
C ARG A 221 3.35 5.23 0.17
N THR A 222 2.07 4.95 -0.05
CA THR A 222 1.63 4.30 -1.27
C THR A 222 1.83 5.23 -2.47
N THR A 223 1.50 6.50 -2.29
CA THR A 223 1.69 7.44 -3.38
C THR A 223 3.19 7.61 -3.63
N ALA A 224 3.98 7.56 -2.56
CA ALA A 224 5.44 7.67 -2.69
C ALA A 224 5.94 6.47 -3.49
N ALA A 225 5.40 5.29 -3.21
CA ALA A 225 5.82 4.09 -3.94
C ALA A 225 5.56 4.25 -5.44
N THR A 226 4.42 4.87 -5.76
CA THR A 226 4.05 5.10 -7.14
C THR A 226 5.05 6.01 -7.86
N LEU A 227 5.40 7.10 -7.21
CA LEU A 227 6.33 8.10 -7.76
C LEU A 227 7.81 7.73 -7.81
N MET A 228 8.28 6.99 -6.81
CA MET A 228 9.70 6.64 -6.73
C MET A 228 9.98 5.15 -6.80
N ASN A 229 10.95 4.77 -7.62
CA ASN A 229 11.34 3.38 -7.82
C ASN A 229 11.83 2.67 -6.57
N ALA A 230 11.24 1.50 -6.32
CA ALA A 230 11.57 0.67 -5.16
C ALA A 230 11.64 1.55 -3.91
N TYR A 231 10.65 2.41 -3.73
CA TYR A 231 10.63 3.32 -2.58
C TYR A 231 10.72 2.66 -1.21
N SER A 232 9.94 1.59 -1.01
CA SER A 232 9.94 0.91 0.28
C SER A 232 11.28 0.30 0.68
N SER A 233 12.10 -0.10 -0.27
CA SER A 233 13.38 -0.68 0.11
C SER A 233 14.58 0.28 0.09
N ARG A 234 14.49 1.34 -0.70
CA ARG A 234 15.57 2.31 -0.82
C ARG A 234 15.46 3.54 0.07
N SER A 235 14.28 3.80 0.63
CA SER A 235 14.10 4.98 1.48
C SER A 235 14.49 4.69 2.93
N HIS A 236 14.70 5.76 3.70
CA HIS A 236 15.02 5.68 5.12
C HIS A 236 13.87 6.46 5.75
N SER A 237 13.33 5.99 6.86
CA SER A 237 12.24 6.73 7.49
C SER A 237 12.55 6.98 8.95
N VAL A 238 12.18 8.17 9.42
CA VAL A 238 12.41 8.55 10.80
C VAL A 238 11.07 8.98 11.40
N PHE A 239 10.50 8.12 12.24
CA PHE A 239 9.24 8.43 12.89
C PHE A 239 9.64 8.96 14.26
N SER A 240 9.35 10.23 14.53
CA SER A 240 9.74 10.77 15.81
C SER A 240 8.55 11.15 16.66
N VAL A 241 8.68 10.90 17.95
CA VAL A 241 7.62 11.23 18.88
C VAL A 241 8.18 12.08 19.99
N THR A 242 7.60 13.26 20.20
CA THR A 242 8.06 14.14 21.27
C THR A 242 6.96 14.26 22.32
N ILE A 243 7.34 14.14 23.59
CA ILE A 243 6.38 14.22 24.67
C ILE A 243 6.70 15.40 25.59
N HIS A 244 5.80 16.38 25.63
CA HIS A 244 5.97 17.53 26.51
C HIS A 244 5.18 17.18 27.76
N MET A 245 5.84 17.17 28.91
CA MET A 245 5.17 16.82 30.15
C MET A 245 5.30 17.85 31.26
N LYS A 246 4.19 18.08 31.97
CA LYS A 246 4.14 19.01 33.09
C LYS A 246 3.71 18.13 34.25
N GLU A 247 4.68 17.49 34.88
CA GLU A 247 4.43 16.58 35.98
C GLU A 247 4.09 17.28 37.30
N THR A 248 3.12 16.70 38.01
CA THR A 248 2.68 17.21 39.31
C THR A 248 2.71 16.05 40.30
N THR A 249 3.93 15.64 40.68
CA THR A 249 4.13 14.55 41.62
C THR A 249 3.18 14.63 42.81
N ILE A 250 3.04 13.53 43.55
CA ILE A 250 2.15 13.51 44.71
C ILE A 250 2.56 14.54 45.77
N ASP A 251 3.83 14.96 45.72
CA ASP A 251 4.34 15.95 46.67
C ASP A 251 3.97 17.37 46.28
N GLY A 252 3.17 17.51 45.24
CA GLY A 252 2.75 18.83 44.80
C GLY A 252 3.70 19.61 43.89
N GLU A 253 4.96 19.19 43.81
CA GLU A 253 5.93 19.88 42.96
C GLU A 253 5.70 19.58 41.48
N GLU A 254 5.74 20.64 40.67
CA GLU A 254 5.51 20.51 39.23
C GLU A 254 6.80 20.58 38.40
N LEU A 255 7.23 19.43 37.89
CA LEU A 255 8.45 19.37 37.07
C LEU A 255 8.12 19.28 35.59
N VAL A 256 8.85 20.03 34.77
CA VAL A 256 8.64 20.04 33.34
C VAL A 256 9.68 19.16 32.64
N LYS A 257 9.21 18.27 31.78
CA LYS A 257 10.10 17.37 31.05
C LYS A 257 9.75 17.27 29.58
N ILE A 258 10.79 17.09 28.75
CA ILE A 258 10.62 16.93 27.31
C ILE A 258 11.29 15.64 26.88
N GLY A 259 10.50 14.74 26.31
CA GLY A 259 11.05 13.47 25.87
C GLY A 259 10.89 13.30 24.38
N LYS A 260 11.91 12.74 23.73
CA LYS A 260 11.87 12.51 22.29
C LYS A 260 12.43 11.13 21.93
N LEU A 261 11.73 10.43 21.05
CA LEU A 261 12.15 9.10 20.62
C LEU A 261 12.14 9.02 19.09
N ASN A 262 13.23 8.51 18.52
CA ASN A 262 13.31 8.37 17.08
C ASN A 262 13.29 6.88 16.69
N LEU A 263 12.32 6.50 15.87
CA LEU A 263 12.22 5.12 15.41
C LEU A 263 12.67 5.18 13.96
N VAL A 264 13.87 4.68 13.72
CA VAL A 264 14.46 4.73 12.39
C VAL A 264 14.48 3.40 11.65
N ASP A 265 13.84 3.38 10.49
CA ASP A 265 13.75 2.19 9.65
C ASP A 265 14.63 2.47 8.43
N LEU A 266 15.84 1.90 8.41
CA LEU A 266 16.79 2.14 7.34
C LEU A 266 16.48 1.43 6.02
N ALA A 267 17.08 1.93 4.95
CA ALA A 267 16.93 1.32 3.64
C ALA A 267 17.58 -0.06 3.68
N GLY A 268 17.13 -0.97 2.83
CA GLY A 268 17.70 -2.30 2.79
C GLY A 268 19.21 -2.30 2.64
N SER A 269 19.89 -3.13 3.43
CA SER A 269 21.34 -3.22 3.43
C SER A 269 21.97 -4.08 2.33
N GLU A 270 21.16 -4.83 1.59
CA GLU A 270 21.68 -5.72 0.56
C GLU A 270 22.54 -5.04 -0.51
N ASN A 271 23.57 -5.77 -0.95
CA ASN A 271 24.48 -5.26 -1.97
C ASN A 271 23.69 -4.65 -3.14
N ILE A 288 24.74 4.03 -4.54
CA ILE A 288 23.66 4.89 -4.98
C ILE A 288 22.87 5.44 -3.79
N ASN A 289 23.08 4.85 -2.62
CA ASN A 289 22.38 5.33 -1.41
C ASN A 289 23.42 6.04 -0.56
N GLN A 290 23.52 7.35 -0.73
CA GLN A 290 24.51 8.13 0.00
C GLN A 290 24.34 8.06 1.51
N SER A 291 23.10 8.07 1.98
CA SER A 291 22.85 8.01 3.41
C SER A 291 23.25 6.67 4.02
N LEU A 292 23.00 5.59 3.28
CA LEU A 292 23.34 4.27 3.79
C LEU A 292 24.86 4.13 3.82
N LEU A 293 25.52 4.51 2.73
CA LEU A 293 26.98 4.43 2.67
C LEU A 293 27.62 5.24 3.81
N THR A 294 27.13 6.46 4.01
CA THR A 294 27.68 7.33 5.03
C THR A 294 27.47 6.82 6.46
N LEU A 295 26.32 6.20 6.72
CA LEU A 295 26.04 5.67 8.04
C LEU A 295 27.11 4.63 8.35
N GLY A 296 27.42 3.79 7.37
CA GLY A 296 28.43 2.76 7.56
C GLY A 296 29.79 3.38 7.84
N ARG A 297 30.13 4.43 7.11
CA ARG A 297 31.41 5.10 7.29
C ARG A 297 31.47 5.82 8.63
N VAL A 298 30.32 6.31 9.11
CA VAL A 298 30.27 7.00 10.40
C VAL A 298 30.52 5.98 11.50
N ILE A 299 29.88 4.81 11.37
CA ILE A 299 30.04 3.77 12.38
C ILE A 299 31.49 3.30 12.46
N THR A 300 32.11 3.12 11.29
CA THR A 300 33.51 2.68 11.22
C THR A 300 34.42 3.72 11.86
N ALA A 301 34.19 4.99 11.55
CA ALA A 301 35.00 6.07 12.10
C ALA A 301 34.89 6.09 13.63
N LEU A 302 33.68 5.89 14.13
CA LEU A 302 33.45 5.89 15.57
C LEU A 302 34.13 4.70 16.26
N VAL A 303 33.97 3.51 15.69
CA VAL A 303 34.57 2.32 16.29
C VAL A 303 36.09 2.29 16.19
N GLU A 304 36.64 2.85 15.12
CA GLU A 304 38.10 2.88 14.96
C GLU A 304 38.67 4.13 15.62
N ARG A 305 37.80 4.84 16.34
CA ARG A 305 38.18 6.05 17.05
C ARG A 305 38.85 7.08 16.14
N THR A 306 38.59 7.00 14.85
CA THR A 306 39.15 7.94 13.88
C THR A 306 38.73 9.38 14.22
N PRO A 307 39.68 10.31 14.17
CA PRO A 307 39.47 11.74 14.47
C PRO A 307 38.30 12.36 13.71
N HIS A 308 38.21 12.05 12.42
CA HIS A 308 37.15 12.58 11.58
C HIS A 308 35.97 11.61 11.43
N VAL A 309 34.77 12.12 11.72
CA VAL A 309 33.55 11.33 11.59
C VAL A 309 32.77 12.09 10.53
N PRO A 310 32.53 11.45 9.38
CA PRO A 310 31.79 12.08 8.27
C PRO A 310 30.27 12.23 8.35
N TYR A 311 29.79 12.81 9.45
CA TYR A 311 28.36 13.06 9.65
C TYR A 311 27.77 13.90 8.52
N ARG A 312 28.46 14.98 8.18
CA ARG A 312 27.98 15.89 7.16
C ARG A 312 27.91 15.37 5.73
N GLU A 313 28.46 14.18 5.46
CA GLU A 313 28.40 13.64 4.10
C GLU A 313 27.04 13.07 3.63
N SER A 314 26.01 13.11 4.50
CA SER A 314 24.67 12.65 4.12
C SER A 314 23.57 13.25 4.99
N LYS A 315 22.35 13.30 4.45
CA LYS A 315 21.20 13.86 5.17
C LYS A 315 20.89 13.03 6.41
N LEU A 316 20.92 11.71 6.25
CA LEU A 316 20.61 10.79 7.34
C LEU A 316 21.52 11.02 8.54
N THR A 317 22.82 10.97 8.30
CA THR A 317 23.78 11.13 9.40
C THR A 317 23.83 12.54 9.99
N ARG A 318 23.47 13.55 9.20
CA ARG A 318 23.46 14.91 9.73
C ARG A 318 22.25 15.00 10.68
N ILE A 319 21.12 14.46 10.25
CA ILE A 319 19.91 14.50 11.04
C ILE A 319 20.01 13.71 12.34
N LEU A 320 20.71 12.57 12.30
CA LEU A 320 20.82 11.73 13.48
C LEU A 320 22.20 11.77 14.13
N GLN A 321 22.95 12.83 13.84
CA GLN A 321 24.29 12.99 14.39
C GLN A 321 24.37 12.69 15.89
N ASP A 322 23.43 13.21 16.66
CA ASP A 322 23.46 12.97 18.11
C ASP A 322 23.22 11.51 18.51
N SER A 323 22.60 10.72 17.63
CA SER A 323 22.35 9.31 17.94
C SER A 323 23.58 8.45 17.67
N LEU A 324 24.57 9.01 17.00
CA LEU A 324 25.78 8.27 16.67
C LEU A 324 27.02 8.86 17.33
N GLY A 325 27.26 8.45 18.58
CA GLY A 325 28.40 8.95 19.32
C GLY A 325 28.06 10.24 20.03
N GLY A 326 26.77 10.58 20.07
CA GLY A 326 26.35 11.80 20.73
C GLY A 326 25.76 11.60 22.11
N ARG A 327 24.80 12.45 22.48
CA ARG A 327 24.15 12.39 23.78
C ARG A 327 22.75 11.76 23.78
N THR A 328 22.48 10.87 22.83
CA THR A 328 21.18 10.21 22.78
C THR A 328 21.39 8.73 23.11
N ARG A 329 20.44 8.12 23.80
CA ARG A 329 20.57 6.69 24.10
C ARG A 329 20.20 5.98 22.80
N THR A 330 21.09 5.13 22.30
CA THR A 330 20.84 4.44 21.04
C THR A 330 20.92 2.93 21.06
N SER A 331 20.01 2.31 20.31
CA SER A 331 19.92 0.86 20.19
C SER A 331 19.67 0.52 18.72
N ILE A 332 20.19 -0.61 18.28
CA ILE A 332 20.02 -1.06 16.91
C ILE A 332 19.40 -2.46 16.87
N ILE A 333 18.34 -2.63 16.10
CA ILE A 333 17.73 -3.94 15.94
C ILE A 333 18.08 -4.39 14.53
N ALA A 334 18.96 -5.38 14.44
CA ALA A 334 19.38 -5.92 13.16
C ALA A 334 18.51 -7.13 12.87
N THR A 335 17.86 -7.11 11.72
CA THR A 335 16.98 -8.19 11.30
C THR A 335 17.64 -9.10 10.26
N ILE A 336 17.38 -10.39 10.36
CA ILE A 336 17.99 -11.33 9.43
C ILE A 336 17.04 -12.43 9.00
N SER A 337 17.40 -13.09 7.91
CA SER A 337 16.64 -14.20 7.36
C SER A 337 17.37 -15.48 7.77
N PRO A 338 16.61 -16.58 7.95
CA PRO A 338 17.26 -17.85 8.33
C PRO A 338 17.58 -18.71 7.11
N ALA A 339 17.16 -18.25 5.93
CA ALA A 339 17.37 -18.99 4.68
C ALA A 339 18.81 -19.08 4.20
N SER A 340 19.17 -20.24 3.68
CA SER A 340 20.51 -20.49 3.18
C SER A 340 20.84 -19.55 2.01
N LEU A 341 19.82 -19.14 1.27
CA LEU A 341 19.99 -18.25 0.12
C LEU A 341 20.44 -16.83 0.48
N ASN A 342 20.24 -16.45 1.73
CA ASN A 342 20.60 -15.11 2.16
C ASN A 342 21.86 -15.08 3.02
N LEU A 343 22.62 -16.17 2.97
CA LEU A 343 23.84 -16.30 3.75
C LEU A 343 24.78 -15.10 3.69
N GLU A 344 25.20 -14.73 2.49
CA GLU A 344 26.11 -13.60 2.34
C GLU A 344 25.54 -12.34 3.01
N GLU A 345 24.28 -12.01 2.71
CA GLU A 345 23.68 -10.82 3.30
C GLU A 345 23.48 -10.91 4.81
N THR A 346 23.13 -12.10 5.28
CA THR A 346 22.94 -12.29 6.71
C THR A 346 24.28 -12.13 7.43
N LEU A 347 25.35 -12.65 6.86
CA LEU A 347 26.66 -12.50 7.48
C LEU A 347 27.06 -11.02 7.49
N SER A 348 26.77 -10.35 6.37
CA SER A 348 27.09 -8.93 6.25
C SER A 348 26.37 -8.16 7.34
N THR A 349 25.09 -8.46 7.53
CA THR A 349 24.31 -7.79 8.55
C THR A 349 24.87 -8.01 9.95
N LEU A 350 25.26 -9.25 10.26
CA LEU A 350 25.80 -9.56 11.57
C LEU A 350 27.13 -8.87 11.84
N GLU A 351 28.03 -8.91 10.87
CA GLU A 351 29.33 -8.26 11.04
C GLU A 351 29.15 -6.77 11.28
N TYR A 352 28.22 -6.17 10.54
CA TYR A 352 27.91 -4.76 10.64
C TYR A 352 27.38 -4.44 12.04
N ALA A 353 26.38 -5.19 12.46
CA ALA A 353 25.78 -4.97 13.78
C ALA A 353 26.80 -5.20 14.88
N HIS A 354 27.60 -6.25 14.73
CA HIS A 354 28.63 -6.59 15.71
C HIS A 354 29.56 -5.39 15.97
N ARG A 355 29.99 -4.75 14.90
CA ARG A 355 30.90 -3.60 14.99
C ARG A 355 30.28 -2.42 15.73
N ALA A 356 29.00 -2.17 15.49
CA ALA A 356 28.30 -1.05 16.13
C ALA A 356 28.27 -1.13 17.66
N LYS A 357 28.40 -2.33 18.22
CA LYS A 357 28.38 -2.50 19.67
C LYS A 357 29.50 -1.71 20.34
N ASN A 358 30.59 -1.49 19.59
CA ASN A 358 31.74 -0.75 20.10
C ASN A 358 31.60 0.76 20.07
N ILE A 359 30.41 1.25 19.75
CA ILE A 359 30.21 2.69 19.73
C ILE A 359 29.81 3.16 21.12
N LEU A 360 30.36 4.30 21.52
CA LEU A 360 30.08 4.86 22.84
C LEU A 360 29.30 6.16 22.77
N ASN A 361 28.12 6.19 23.38
CA ASN A 361 27.29 7.40 23.42
C ASN A 361 27.37 7.98 24.83
N LYS A 362 26.69 9.10 25.08
CA LYS A 362 26.72 9.71 26.41
C LYS A 362 25.36 10.22 26.85
N GLY B 16 -29.33 -5.26 -30.39
CA GLY B 16 -28.15 -5.09 -29.50
C GLY B 16 -27.80 -3.64 -29.25
N LYS B 17 -28.25 -3.12 -28.12
CA LYS B 17 -27.98 -1.72 -27.74
C LYS B 17 -26.49 -1.43 -27.76
N ASN B 18 -26.15 -0.13 -27.74
CA ASN B 18 -24.75 0.28 -27.72
C ASN B 18 -24.25 0.17 -26.30
N ILE B 19 -22.93 0.13 -26.16
CA ILE B 19 -22.31 0.04 -24.84
C ILE B 19 -22.84 1.17 -23.95
N GLN B 20 -22.90 0.92 -22.66
CA GLN B 20 -23.36 1.93 -21.72
C GLN B 20 -22.14 2.72 -21.25
N VAL B 21 -22.24 4.04 -21.24
CA VAL B 21 -21.14 4.87 -20.80
C VAL B 21 -21.61 5.91 -19.78
N VAL B 22 -20.97 5.92 -18.63
CA VAL B 22 -21.31 6.86 -17.57
C VAL B 22 -20.04 7.62 -17.15
N VAL B 23 -20.23 8.78 -16.53
CA VAL B 23 -19.11 9.60 -16.09
C VAL B 23 -19.22 9.90 -14.59
N ARG B 24 -18.10 9.81 -13.88
CA ARG B 24 -18.08 10.11 -12.45
C ARG B 24 -16.98 11.11 -12.12
N CYS B 25 -17.37 12.23 -11.52
CA CYS B 25 -16.38 13.24 -11.13
C CYS B 25 -16.06 13.05 -9.65
N ARG B 26 -14.78 13.12 -9.30
CA ARG B 26 -14.42 12.96 -7.91
C ARG B 26 -14.46 14.32 -7.23
N PRO B 27 -14.54 14.33 -5.88
CA PRO B 27 -14.58 15.58 -5.14
C PRO B 27 -13.15 16.01 -4.81
N PHE B 28 -12.96 17.30 -4.52
CA PHE B 28 -11.64 17.81 -4.20
C PHE B 28 -11.03 17.07 -3.00
N ASN B 29 -9.71 17.10 -2.91
CA ASN B 29 -9.00 16.43 -1.82
C ASN B 29 -8.88 17.39 -0.62
N LEU B 30 -8.21 16.93 0.43
CA LEU B 30 -8.03 17.76 1.62
C LEU B 30 -7.27 19.05 1.30
N ALA B 31 -6.32 18.97 0.38
CA ALA B 31 -5.54 20.14 0.00
C ALA B 31 -6.38 21.16 -0.78
N GLU B 32 -6.94 20.73 -1.90
CA GLU B 32 -7.75 21.60 -2.76
C GLU B 32 -8.87 22.32 -1.99
N ARG B 33 -9.61 21.60 -1.15
CA ARG B 33 -10.69 22.22 -0.37
C ARG B 33 -10.14 23.40 0.42
N LYS B 34 -8.85 23.33 0.76
CA LYS B 34 -8.18 24.37 1.53
C LYS B 34 -7.60 25.43 0.59
N ALA B 35 -7.15 24.99 -0.59
CA ALA B 35 -6.58 25.90 -1.58
C ALA B 35 -7.71 26.66 -2.27
N SER B 36 -8.92 26.52 -1.75
CA SER B 36 -10.08 27.20 -2.32
C SER B 36 -10.19 26.93 -3.82
N ALA B 37 -10.25 25.66 -4.18
CA ALA B 37 -10.34 25.26 -5.59
C ALA B 37 -11.74 25.49 -6.17
N HIS B 38 -11.77 25.93 -7.42
CA HIS B 38 -13.03 26.19 -8.13
C HIS B 38 -13.26 25.17 -9.24
N SER B 39 -14.27 24.32 -9.04
CA SER B 39 -14.61 23.29 -10.01
C SER B 39 -14.95 23.88 -11.37
N ILE B 40 -14.37 23.32 -12.42
CA ILE B 40 -14.66 23.79 -13.77
C ILE B 40 -15.53 22.72 -14.43
N VAL B 41 -16.03 21.82 -13.59
CA VAL B 41 -16.87 20.72 -14.04
C VAL B 41 -18.24 20.75 -13.35
N GLU B 42 -19.31 20.65 -14.13
CA GLU B 42 -20.66 20.66 -13.59
C GLU B 42 -21.40 19.42 -14.07
N CYS B 43 -21.92 18.63 -13.14
CA CYS B 43 -22.65 17.42 -13.48
C CYS B 43 -24.14 17.50 -13.17
N ASP B 44 -24.95 17.39 -14.21
CA ASP B 44 -26.40 17.46 -14.08
C ASP B 44 -26.98 16.06 -14.28
N PRO B 45 -27.38 15.41 -13.18
CA PRO B 45 -27.97 14.07 -13.11
C PRO B 45 -29.16 13.84 -14.04
N VAL B 46 -30.30 14.42 -13.67
CA VAL B 46 -31.52 14.26 -14.46
C VAL B 46 -31.26 14.58 -15.93
N ARG B 47 -30.34 15.50 -16.19
CA ARG B 47 -30.03 15.87 -17.56
C ARG B 47 -28.95 14.99 -18.19
N LYS B 48 -28.30 14.15 -17.37
CA LYS B 48 -27.26 13.25 -17.85
C LYS B 48 -26.26 14.05 -18.68
N GLU B 49 -25.81 15.18 -18.14
CA GLU B 49 -24.91 16.04 -18.89
C GLU B 49 -23.65 16.44 -18.11
N VAL B 50 -22.55 16.61 -18.84
CA VAL B 50 -21.27 17.00 -18.26
C VAL B 50 -20.81 18.27 -18.95
N SER B 51 -20.62 19.33 -18.18
CA SER B 51 -20.18 20.62 -18.73
C SER B 51 -18.78 20.99 -18.29
N VAL B 52 -17.95 21.39 -19.24
CA VAL B 52 -16.58 21.77 -18.91
C VAL B 52 -16.23 23.20 -19.31
N ARG B 53 -15.87 24.02 -18.33
CA ARG B 53 -15.48 25.40 -18.57
C ARG B 53 -14.03 25.42 -19.07
N THR B 54 -13.85 25.71 -20.35
CA THR B 54 -12.51 25.75 -20.93
C THR B 54 -11.89 27.15 -20.91
N GLY B 55 -12.22 27.96 -21.90
CA GLY B 55 -11.67 29.30 -21.97
C GLY B 55 -12.57 30.36 -21.35
N GLY B 56 -12.35 31.62 -21.74
CA GLY B 56 -13.14 32.71 -21.20
C GLY B 56 -12.89 32.90 -19.72
N LEU B 57 -13.32 34.03 -19.18
CA LEU B 57 -13.14 34.32 -17.76
C LEU B 57 -14.42 34.04 -16.98
N ALA B 58 -14.61 34.74 -15.88
CA ALA B 58 -15.79 34.56 -15.03
C ALA B 58 -17.03 35.24 -15.57
N ASP B 59 -16.96 36.55 -15.80
CA ASP B 59 -18.11 37.31 -16.30
C ASP B 59 -18.64 36.69 -17.58
N LYS B 60 -17.77 35.97 -18.28
CA LYS B 60 -18.14 35.27 -19.50
C LYS B 60 -17.06 34.26 -19.85
N SER B 61 -17.47 33.09 -20.31
CA SER B 61 -16.52 32.05 -20.66
C SER B 61 -17.10 31.11 -21.69
N SER B 62 -16.41 29.99 -21.89
CA SER B 62 -16.85 28.99 -22.85
C SER B 62 -16.98 27.66 -22.12
N ARG B 63 -17.64 26.71 -22.76
CA ARG B 63 -17.84 25.39 -22.19
C ARG B 63 -17.90 24.33 -23.26
N LYS B 64 -17.92 23.08 -22.81
CA LYS B 64 -18.03 21.92 -23.69
C LYS B 64 -18.85 20.92 -22.89
N THR B 65 -20.05 20.63 -23.38
CA THR B 65 -20.94 19.69 -22.72
C THR B 65 -21.03 18.38 -23.47
N TYR B 66 -21.22 17.30 -22.74
CA TYR B 66 -21.36 15.99 -23.34
C TYR B 66 -22.51 15.28 -22.66
N THR B 67 -23.25 14.48 -23.41
CA THR B 67 -24.36 13.75 -22.85
C THR B 67 -23.95 12.29 -22.72
N PHE B 68 -24.29 11.70 -21.58
CA PHE B 68 -23.97 10.30 -21.31
C PHE B 68 -25.18 9.57 -20.77
N ASP B 69 -25.10 8.25 -20.74
CA ASP B 69 -26.21 7.44 -20.24
C ASP B 69 -26.49 7.75 -18.77
N MET B 70 -25.43 8.02 -18.02
CA MET B 70 -25.55 8.36 -16.61
C MET B 70 -24.42 9.30 -16.23
N VAL B 71 -24.69 10.21 -15.30
CA VAL B 71 -23.68 11.15 -14.85
C VAL B 71 -23.74 11.20 -13.33
N PHE B 72 -22.58 11.07 -12.70
CA PHE B 72 -22.48 11.08 -11.24
C PHE B 72 -21.55 12.20 -10.77
N GLY B 73 -22.11 13.15 -10.02
CA GLY B 73 -21.33 14.26 -9.53
C GLY B 73 -20.44 13.95 -8.34
N ALA B 74 -19.63 14.93 -7.96
CA ALA B 74 -18.70 14.77 -6.85
C ALA B 74 -19.34 14.30 -5.55
N SER B 75 -20.63 14.55 -5.38
CA SER B 75 -21.32 14.16 -4.17
C SER B 75 -21.87 12.74 -4.23
N THR B 76 -21.72 12.08 -5.37
CA THR B 76 -22.23 10.73 -5.51
C THR B 76 -21.58 9.77 -4.51
N LYS B 77 -22.38 8.88 -3.93
CA LYS B 77 -21.87 7.90 -2.98
C LYS B 77 -21.62 6.57 -3.67
N GLN B 78 -20.80 5.73 -3.06
CA GLN B 78 -20.47 4.41 -3.60
C GLN B 78 -21.72 3.56 -3.80
N ILE B 79 -22.62 3.57 -2.81
CA ILE B 79 -23.84 2.78 -2.88
C ILE B 79 -24.70 3.17 -4.08
N ASP B 80 -24.70 4.46 -4.43
CA ASP B 80 -25.50 4.93 -5.55
C ASP B 80 -24.93 4.43 -6.88
N VAL B 81 -23.60 4.47 -7.01
CA VAL B 81 -22.96 3.99 -8.23
C VAL B 81 -23.33 2.52 -8.42
N TYR B 82 -23.28 1.75 -7.33
CA TYR B 82 -23.59 0.34 -7.44
C TYR B 82 -25.05 0.07 -7.81
N ARG B 83 -25.97 0.64 -7.05
CA ARG B 83 -27.40 0.44 -7.33
C ARG B 83 -27.76 0.85 -8.77
N SER B 84 -27.29 2.03 -9.17
CA SER B 84 -27.57 2.56 -10.50
C SER B 84 -26.86 1.85 -11.65
N VAL B 85 -25.58 1.59 -11.50
CA VAL B 85 -24.82 0.95 -12.58
C VAL B 85 -24.66 -0.57 -12.51
N VAL B 86 -24.27 -1.08 -11.35
CA VAL B 86 -24.02 -2.52 -11.21
C VAL B 86 -25.21 -3.44 -10.98
N CYS B 87 -26.12 -3.10 -10.07
CA CYS B 87 -27.28 -3.97 -9.82
C CYS B 87 -27.83 -4.55 -11.12
N PRO B 88 -28.17 -3.70 -12.09
CA PRO B 88 -28.70 -4.22 -13.35
C PRO B 88 -27.74 -5.21 -13.99
N ILE B 89 -26.46 -4.86 -14.01
CA ILE B 89 -25.48 -5.76 -14.62
C ILE B 89 -25.35 -7.07 -13.86
N LEU B 90 -25.34 -7.01 -12.53
CA LEU B 90 -25.24 -8.23 -11.74
C LEU B 90 -26.41 -9.17 -12.02
N ASP B 91 -27.61 -8.63 -12.12
CA ASP B 91 -28.74 -9.50 -12.40
C ASP B 91 -28.57 -10.13 -13.77
N GLU B 92 -27.87 -9.43 -14.66
CA GLU B 92 -27.60 -9.96 -16.01
C GLU B 92 -26.68 -11.15 -15.90
N VAL B 93 -25.69 -11.04 -15.01
CA VAL B 93 -24.74 -12.11 -14.81
C VAL B 93 -25.45 -13.35 -14.23
N ILE B 94 -26.29 -13.12 -13.23
CA ILE B 94 -27.03 -14.20 -12.59
C ILE B 94 -27.94 -14.94 -13.58
N MET B 95 -28.30 -14.27 -14.67
CA MET B 95 -29.13 -14.89 -15.69
C MET B 95 -28.29 -15.70 -16.69
N GLY B 96 -26.99 -15.77 -16.44
CA GLY B 96 -26.11 -16.53 -17.30
C GLY B 96 -25.41 -15.78 -18.43
N TYR B 97 -25.35 -14.46 -18.34
CA TYR B 97 -24.68 -13.65 -19.37
C TYR B 97 -23.28 -13.18 -18.92
N ASN B 98 -22.45 -12.80 -19.88
CA ASN B 98 -21.11 -12.31 -19.56
C ASN B 98 -21.20 -10.81 -19.59
N CYS B 99 -20.59 -10.17 -18.60
CA CYS B 99 -20.62 -8.72 -18.52
C CYS B 99 -19.22 -8.19 -18.15
N THR B 100 -18.94 -6.97 -18.60
CA THR B 100 -17.67 -6.31 -18.35
C THR B 100 -17.91 -4.84 -18.03
N ILE B 101 -17.20 -4.34 -17.03
CA ILE B 101 -17.29 -2.95 -16.64
C ILE B 101 -15.86 -2.43 -16.63
N PHE B 102 -15.61 -1.40 -17.43
CA PHE B 102 -14.30 -0.76 -17.54
C PHE B 102 -14.27 0.52 -16.70
N ALA B 103 -13.12 0.81 -16.11
CA ALA B 103 -12.94 2.06 -15.36
C ALA B 103 -11.84 2.73 -16.20
N TYR B 104 -12.15 3.89 -16.80
CA TYR B 104 -11.20 4.61 -17.65
C TYR B 104 -11.03 6.06 -17.21
N GLY B 105 -9.79 6.55 -17.23
CA GLY B 105 -9.54 7.93 -16.83
C GLY B 105 -8.15 8.20 -16.29
N GLN B 106 -7.82 9.49 -16.16
CA GLN B 106 -6.52 9.92 -15.67
C GLN B 106 -6.18 9.44 -14.26
N THR B 107 -4.90 9.16 -14.06
CA THR B 107 -4.43 8.72 -12.75
C THR B 107 -4.90 9.67 -11.63
N GLY B 108 -5.48 9.10 -10.57
CA GLY B 108 -5.96 9.91 -9.45
C GLY B 108 -7.37 10.46 -9.57
N THR B 109 -8.14 9.98 -10.55
CA THR B 109 -9.49 10.49 -10.72
C THR B 109 -10.57 9.60 -10.13
N GLY B 110 -10.16 8.46 -9.57
CA GLY B 110 -11.13 7.58 -8.94
C GLY B 110 -11.42 6.20 -9.50
N LYS B 111 -10.55 5.66 -10.34
CA LYS B 111 -10.77 4.33 -10.91
C LYS B 111 -10.73 3.22 -9.85
N THR B 112 -9.71 3.21 -9.00
CA THR B 112 -9.63 2.18 -7.94
C THR B 112 -10.70 2.42 -6.88
N PHE B 113 -10.92 3.68 -6.51
CA PHE B 113 -11.92 3.99 -5.50
C PHE B 113 -13.26 3.43 -5.94
N THR B 114 -13.62 3.71 -7.19
CA THR B 114 -14.88 3.25 -7.75
C THR B 114 -14.98 1.74 -7.86
N MET B 115 -13.96 1.12 -8.45
CA MET B 115 -13.96 -0.32 -8.63
C MET B 115 -13.73 -1.16 -7.38
N GLU B 116 -12.90 -0.65 -6.47
CA GLU B 116 -12.56 -1.39 -5.26
C GLU B 116 -13.00 -0.75 -3.96
N GLY B 117 -12.83 0.56 -3.85
CA GLY B 117 -13.22 1.25 -2.64
C GLY B 117 -12.09 1.24 -1.62
N GLU B 118 -12.36 1.82 -0.46
CA GLU B 118 -11.36 1.88 0.61
C GLU B 118 -12.03 1.65 1.94
N ARG B 119 -11.27 1.85 3.01
CA ARG B 119 -11.79 1.69 4.36
C ARG B 119 -11.86 3.07 5.01
N SER B 120 -12.95 3.33 5.72
CA SER B 120 -13.12 4.61 6.39
C SER B 120 -11.92 4.93 7.28
N PRO B 121 -11.48 6.20 7.28
CA PRO B 121 -10.36 6.81 8.01
C PRO B 121 -9.96 6.21 9.34
N ASN B 122 -10.84 5.40 9.93
CA ASN B 122 -10.54 4.75 11.19
C ASN B 122 -11.41 3.51 11.25
N GLU B 123 -11.19 2.65 12.23
CA GLU B 123 -11.96 1.42 12.36
C GLU B 123 -13.46 1.69 12.57
N GLU B 124 -13.96 2.78 11.99
CA GLU B 124 -15.37 3.17 12.12
C GLU B 124 -16.37 2.06 11.84
N TYR B 125 -16.31 1.50 10.64
CA TYR B 125 -17.23 0.44 10.26
C TYR B 125 -16.50 -0.85 9.94
N THR B 126 -17.27 -1.92 9.77
CA THR B 126 -16.73 -3.21 9.40
C THR B 126 -16.77 -3.16 7.88
N TRP B 127 -16.00 -4.00 7.21
CA TRP B 127 -15.97 -3.98 5.76
C TRP B 127 -17.36 -4.12 5.10
N GLU B 128 -18.19 -5.00 5.65
CA GLU B 128 -19.52 -5.23 5.08
C GLU B 128 -20.40 -3.98 5.02
N GLU B 129 -20.30 -3.12 6.03
CA GLU B 129 -21.12 -1.91 6.05
C GLU B 129 -20.32 -0.64 5.78
N ASP B 130 -19.08 -0.77 5.35
CA ASP B 130 -18.26 0.40 5.08
C ASP B 130 -18.84 1.16 3.89
N PRO B 131 -19.20 2.43 4.11
CA PRO B 131 -19.77 3.26 3.06
C PRO B 131 -18.81 3.58 1.92
N LEU B 132 -17.51 3.40 2.17
CA LEU B 132 -16.52 3.67 1.15
C LEU B 132 -16.21 2.42 0.32
N ALA B 133 -16.94 1.34 0.60
CA ALA B 133 -16.75 0.09 -0.15
C ALA B 133 -17.09 0.32 -1.61
N GLY B 134 -16.27 -0.26 -2.51
CA GLY B 134 -16.50 -0.08 -3.94
C GLY B 134 -17.31 -1.19 -4.60
N ILE B 135 -17.28 -1.22 -5.93
CA ILE B 135 -18.02 -2.19 -6.73
C ILE B 135 -17.71 -3.67 -6.50
N ILE B 136 -16.43 -4.02 -6.47
CA ILE B 136 -16.07 -5.41 -6.27
C ILE B 136 -16.57 -6.02 -4.96
N PRO B 137 -16.29 -5.38 -3.82
CA PRO B 137 -16.78 -5.95 -2.56
C PRO B 137 -18.31 -5.98 -2.46
N ARG B 138 -18.97 -4.93 -2.94
CA ARG B 138 -20.45 -4.90 -2.91
C ARG B 138 -21.02 -6.03 -3.78
N THR B 139 -20.44 -6.20 -4.97
CA THR B 139 -20.88 -7.22 -5.93
C THR B 139 -20.81 -8.64 -5.38
N LEU B 140 -19.67 -8.99 -4.80
CA LEU B 140 -19.47 -10.32 -4.23
C LEU B 140 -20.44 -10.59 -3.08
N HIS B 141 -20.60 -9.60 -2.21
CA HIS B 141 -21.49 -9.71 -1.06
C HIS B 141 -22.93 -9.92 -1.54
N GLN B 142 -23.34 -9.16 -2.55
CA GLN B 142 -24.69 -9.25 -3.08
C GLN B 142 -24.99 -10.55 -3.81
N ILE B 143 -23.96 -11.21 -4.33
CA ILE B 143 -24.20 -12.47 -5.02
C ILE B 143 -24.73 -13.49 -4.02
N PHE B 144 -24.17 -13.50 -2.82
CA PHE B 144 -24.62 -14.43 -1.79
C PHE B 144 -26.03 -14.07 -1.28
N GLU B 145 -26.29 -12.78 -1.14
CA GLU B 145 -27.60 -12.31 -0.69
C GLU B 145 -28.67 -12.61 -1.72
N LYS B 146 -28.34 -12.41 -3.00
CA LYS B 146 -29.29 -12.65 -4.08
C LYS B 146 -29.60 -14.12 -4.33
N LEU B 147 -28.72 -15.01 -3.87
CA LEU B 147 -28.96 -16.44 -4.09
C LEU B 147 -28.94 -17.24 -2.79
N THR B 148 -29.18 -16.56 -1.66
CA THR B 148 -29.15 -17.21 -0.36
C THR B 148 -30.21 -18.28 -0.13
N ASP B 149 -31.45 -18.04 -0.59
CA ASP B 149 -32.49 -19.04 -0.36
C ASP B 149 -33.44 -19.23 -1.53
N ASN B 150 -32.99 -18.86 -2.72
CA ASN B 150 -33.79 -19.07 -3.93
C ASN B 150 -33.33 -20.46 -4.39
N GLY B 151 -34.13 -21.15 -5.18
CA GLY B 151 -33.75 -22.50 -5.59
C GLY B 151 -32.51 -22.68 -6.44
N THR B 152 -31.60 -21.71 -6.43
CA THR B 152 -30.41 -21.81 -7.26
C THR B 152 -29.11 -22.18 -6.53
N GLU B 153 -28.65 -23.41 -6.73
CA GLU B 153 -27.39 -23.82 -6.11
C GLU B 153 -26.32 -23.09 -6.88
N PHE B 154 -25.14 -22.91 -6.29
CA PHE B 154 -24.11 -22.17 -7.00
C PHE B 154 -22.77 -22.14 -6.27
N SER B 155 -21.74 -21.76 -7.02
CA SER B 155 -20.39 -21.61 -6.49
C SER B 155 -19.82 -20.35 -7.14
N VAL B 156 -18.98 -19.63 -6.40
CA VAL B 156 -18.38 -18.42 -6.92
C VAL B 156 -16.86 -18.54 -6.93
N LYS B 157 -16.26 -18.17 -8.06
CA LYS B 157 -14.81 -18.22 -8.22
C LYS B 157 -14.30 -16.84 -8.68
N VAL B 158 -13.16 -16.42 -8.16
CA VAL B 158 -12.60 -15.12 -8.52
C VAL B 158 -11.14 -15.22 -8.91
N SER B 159 -10.71 -14.33 -9.80
CA SER B 159 -9.32 -14.29 -10.22
C SER B 159 -8.94 -12.83 -10.45
N LEU B 160 -7.65 -12.54 -10.35
CA LEU B 160 -7.16 -11.19 -10.55
C LEU B 160 -5.93 -11.23 -11.43
N LEU B 161 -6.15 -10.87 -12.70
CA LEU B 161 -5.09 -10.84 -13.69
C LEU B 161 -4.70 -9.39 -13.93
N GLU B 162 -3.41 -9.09 -13.83
CA GLU B 162 -2.97 -7.72 -14.09
C GLU B 162 -1.91 -7.70 -15.18
N ILE B 163 -1.85 -6.59 -15.91
CA ILE B 163 -0.94 -6.42 -17.03
C ILE B 163 -0.03 -5.20 -16.84
N TYR B 164 1.28 -5.42 -16.90
CA TYR B 164 2.27 -4.34 -16.78
C TYR B 164 3.35 -4.58 -17.82
N ASN B 165 3.57 -3.59 -18.67
CA ASN B 165 4.56 -3.69 -19.74
C ASN B 165 4.32 -4.96 -20.55
N GLU B 166 3.05 -5.20 -20.86
CA GLU B 166 2.63 -6.36 -21.64
C GLU B 166 2.99 -7.72 -21.05
N GLU B 167 3.16 -7.79 -19.73
CA GLU B 167 3.45 -9.05 -19.07
C GLU B 167 2.26 -9.29 -18.14
N LEU B 168 1.92 -10.56 -17.92
CA LEU B 168 0.79 -10.95 -17.09
C LEU B 168 1.22 -11.41 -15.71
N PHE B 169 0.46 -11.00 -14.70
CA PHE B 169 0.76 -11.38 -13.32
C PHE B 169 -0.54 -11.75 -12.61
N ASP B 170 -0.45 -12.64 -11.63
CA ASP B 170 -1.59 -13.11 -10.84
C ASP B 170 -1.47 -12.40 -9.49
N LEU B 171 -2.41 -11.52 -9.17
CA LEU B 171 -2.34 -10.79 -7.91
C LEU B 171 -3.20 -11.35 -6.78
N LEU B 172 -3.72 -12.55 -6.95
CA LEU B 172 -4.54 -13.16 -5.90
C LEU B 172 -3.94 -14.42 -5.32
N ASN B 173 -3.28 -15.21 -6.17
CA ASN B 173 -2.68 -16.45 -5.73
C ASN B 173 -1.81 -16.26 -4.49
N PRO B 174 -2.33 -16.60 -3.31
CA PRO B 174 -1.62 -16.46 -2.03
C PRO B 174 -0.43 -17.41 -1.91
N SER B 175 -0.21 -18.24 -2.92
CA SER B 175 0.89 -19.19 -2.91
C SER B 175 1.85 -19.05 -4.08
N SER B 176 2.12 -17.81 -4.48
CA SER B 176 3.04 -17.55 -5.59
C SER B 176 3.50 -16.10 -5.55
N ASP B 177 4.75 -15.87 -5.95
CA ASP B 177 5.29 -14.51 -5.96
C ASP B 177 4.85 -13.73 -7.19
N VAL B 178 4.62 -12.43 -7.00
CA VAL B 178 4.18 -11.55 -8.08
C VAL B 178 5.13 -11.52 -9.27
N SER B 179 6.42 -11.63 -9.02
CA SER B 179 7.42 -11.61 -10.09
C SER B 179 7.27 -12.72 -11.13
N GLU B 180 6.48 -13.74 -10.82
CA GLU B 180 6.26 -14.86 -11.75
C GLU B 180 5.22 -14.48 -12.80
N ARG B 181 5.66 -14.25 -14.03
CA ARG B 181 4.75 -13.86 -15.09
C ARG B 181 4.06 -15.07 -15.74
N LEU B 182 2.81 -14.87 -16.15
CA LEU B 182 2.02 -15.94 -16.76
C LEU B 182 2.18 -15.99 -18.26
N GLN B 183 1.75 -17.10 -18.86
CA GLN B 183 1.82 -17.33 -20.29
C GLN B 183 0.41 -17.28 -20.86
N MET B 184 0.27 -16.70 -22.03
CA MET B 184 -1.04 -16.60 -22.67
C MET B 184 -1.01 -17.30 -24.03
N PHE B 185 -2.06 -18.06 -24.32
CA PHE B 185 -2.16 -18.74 -25.60
C PHE B 185 -3.59 -18.68 -26.11
N ASP B 186 -3.76 -18.78 -27.42
CA ASP B 186 -5.09 -18.78 -28.01
C ASP B 186 -5.75 -20.13 -27.71
N ASP B 187 -7.05 -20.13 -27.48
CA ASP B 187 -7.76 -21.36 -27.17
C ASP B 187 -8.19 -22.08 -28.44
N PRO B 188 -7.93 -23.39 -28.50
CA PRO B 188 -8.27 -24.24 -29.66
C PRO B 188 -9.78 -24.31 -29.88
N ARG B 189 -10.51 -24.56 -28.81
CA ARG B 189 -11.97 -24.65 -28.87
C ARG B 189 -12.55 -23.42 -29.55
N ASN B 190 -12.72 -22.34 -28.78
CA ASN B 190 -13.28 -21.09 -29.31
C ASN B 190 -12.42 -20.52 -30.44
N LYS B 191 -12.75 -19.29 -30.85
CA LYS B 191 -12.01 -18.60 -31.91
C LYS B 191 -11.53 -17.23 -31.42
N ARG B 192 -12.16 -16.73 -30.36
CA ARG B 192 -11.78 -15.44 -29.80
C ARG B 192 -11.11 -15.57 -28.44
N GLY B 193 -11.54 -16.57 -27.66
CA GLY B 193 -10.98 -16.78 -26.34
C GLY B 193 -9.50 -17.09 -26.29
N VAL B 194 -8.95 -17.06 -25.08
CA VAL B 194 -7.55 -17.36 -24.85
C VAL B 194 -7.45 -18.05 -23.51
N ILE B 195 -6.40 -18.85 -23.31
CA ILE B 195 -6.24 -19.52 -22.04
C ILE B 195 -5.01 -18.96 -21.34
N ILE B 196 -5.15 -18.69 -20.04
CA ILE B 196 -4.05 -18.14 -19.29
C ILE B 196 -3.48 -19.20 -18.36
N LYS B 197 -2.31 -19.70 -18.73
CA LYS B 197 -1.66 -20.73 -17.94
C LYS B 197 -1.14 -20.22 -16.60
N GLY B 198 -1.59 -20.84 -15.53
CA GLY B 198 -1.14 -20.47 -14.20
C GLY B 198 -1.99 -19.50 -13.42
N LEU B 199 -3.02 -18.94 -14.04
CA LEU B 199 -3.90 -18.00 -13.36
C LEU B 199 -4.77 -18.73 -12.35
N GLU B 200 -4.58 -18.43 -11.08
CA GLU B 200 -5.35 -19.08 -10.03
C GLU B 200 -6.77 -18.55 -9.92
N GLU B 201 -7.70 -19.46 -9.63
CA GLU B 201 -9.10 -19.10 -9.46
C GLU B 201 -9.44 -19.47 -8.02
N ILE B 202 -9.81 -18.48 -7.22
CA ILE B 202 -10.13 -18.72 -5.82
C ILE B 202 -11.63 -18.91 -5.59
N THR B 203 -12.01 -20.06 -5.04
CA THR B 203 -13.42 -20.34 -4.75
C THR B 203 -13.82 -19.54 -3.52
N VAL B 204 -14.90 -18.77 -3.62
CA VAL B 204 -15.39 -18.00 -2.48
C VAL B 204 -16.58 -18.81 -1.95
N HIS B 205 -16.38 -19.49 -0.83
CA HIS B 205 -17.43 -20.33 -0.26
C HIS B 205 -18.60 -19.61 0.39
N ASN B 206 -18.36 -18.44 0.97
CA ASN B 206 -19.43 -17.68 1.59
C ASN B 206 -19.00 -16.23 1.80
N LYS B 207 -19.96 -15.37 2.13
CA LYS B 207 -19.65 -13.96 2.31
C LYS B 207 -18.55 -13.70 3.33
N ASP B 208 -18.26 -14.68 4.19
CA ASP B 208 -17.23 -14.51 5.21
C ASP B 208 -15.81 -14.75 4.70
N GLU B 209 -15.67 -15.23 3.48
CA GLU B 209 -14.33 -15.47 2.93
C GLU B 209 -13.91 -14.31 2.03
N VAL B 210 -14.88 -13.48 1.64
CA VAL B 210 -14.63 -12.35 0.75
C VAL B 210 -13.54 -11.37 1.14
N TYR B 211 -13.68 -10.72 2.29
CA TYR B 211 -12.71 -9.72 2.71
C TYR B 211 -11.25 -10.15 2.72
N GLN B 212 -10.97 -11.32 3.28
CA GLN B 212 -9.59 -11.79 3.34
C GLN B 212 -8.99 -12.01 1.96
N ILE B 213 -9.80 -12.44 1.01
CA ILE B 213 -9.32 -12.67 -0.35
C ILE B 213 -8.92 -11.33 -0.98
N LEU B 214 -9.77 -10.32 -0.82
CA LEU B 214 -9.49 -9.00 -1.39
C LEU B 214 -8.27 -8.42 -0.70
N GLU B 215 -8.16 -8.68 0.60
CA GLU B 215 -7.06 -8.19 1.42
C GLU B 215 -5.71 -8.71 0.91
N LYS B 216 -5.62 -10.00 0.63
CA LYS B 216 -4.37 -10.56 0.15
C LYS B 216 -4.05 -9.96 -1.22
N GLY B 217 -5.08 -9.59 -1.95
CA GLY B 217 -4.89 -8.98 -3.25
C GLY B 217 -4.19 -7.65 -3.10
N ALA B 218 -4.67 -6.82 -2.19
CA ALA B 218 -4.07 -5.51 -1.96
C ALA B 218 -2.62 -5.66 -1.51
N ALA B 219 -2.38 -6.58 -0.58
CA ALA B 219 -1.03 -6.81 -0.08
C ALA B 219 -0.07 -7.15 -1.21
N LYS B 220 -0.49 -8.04 -2.10
CA LYS B 220 0.36 -8.45 -3.21
C LYS B 220 0.68 -7.30 -4.16
N ARG B 221 -0.24 -6.34 -4.29
CA ARG B 221 -0.01 -5.20 -5.17
C ARG B 221 1.10 -4.31 -4.61
N THR B 222 1.24 -4.31 -3.29
CA THR B 222 2.28 -3.51 -2.64
C THR B 222 3.65 -4.01 -3.07
N THR B 223 3.83 -5.33 -3.11
CA THR B 223 5.11 -5.88 -3.53
C THR B 223 5.31 -5.60 -5.01
N ALA B 224 4.21 -5.61 -5.77
CA ALA B 224 4.30 -5.34 -7.19
C ALA B 224 4.79 -3.90 -7.37
N ALA B 225 4.27 -3.00 -6.56
CA ALA B 225 4.67 -1.60 -6.61
C ALA B 225 6.16 -1.44 -6.31
N THR B 226 6.66 -2.26 -5.40
CA THR B 226 8.07 -2.21 -5.03
C THR B 226 8.96 -2.61 -6.21
N LEU B 227 8.56 -3.68 -6.90
CA LEU B 227 9.31 -4.22 -8.03
C LEU B 227 9.18 -3.49 -9.37
N MET B 228 8.01 -2.94 -9.65
CA MET B 228 7.78 -2.27 -10.92
C MET B 228 7.44 -0.80 -10.81
N ASN B 229 8.14 0.00 -11.60
CA ASN B 229 7.97 1.45 -11.61
C ASN B 229 6.56 1.92 -11.96
N ALA B 230 6.03 2.78 -11.09
CA ALA B 230 4.70 3.34 -11.26
C ALA B 230 3.71 2.23 -11.58
N TYR B 231 3.78 1.12 -10.84
CA TYR B 231 2.89 -0.01 -11.10
C TYR B 231 1.40 0.30 -11.05
N SER B 232 0.95 1.00 -10.01
CA SER B 232 -0.47 1.32 -9.87
C SER B 232 -1.00 2.25 -10.98
N SER B 233 -0.11 3.03 -11.59
CA SER B 233 -0.52 3.95 -12.65
C SER B 233 -0.47 3.35 -14.03
N ARG B 234 0.49 2.45 -14.27
CA ARG B 234 0.70 1.87 -15.59
C ARG B 234 0.10 0.48 -15.84
N SER B 235 -0.26 -0.21 -14.77
CA SER B 235 -0.83 -1.55 -14.90
C SER B 235 -2.32 -1.50 -15.19
N HIS B 236 -2.83 -2.59 -15.77
CA HIS B 236 -4.25 -2.76 -16.06
C HIS B 236 -4.62 -3.95 -15.20
N SER B 237 -5.80 -3.95 -14.58
CA SER B 237 -6.19 -5.10 -13.77
C SER B 237 -7.55 -5.61 -14.19
N VAL B 238 -7.69 -6.93 -14.20
CA VAL B 238 -8.94 -7.55 -14.55
C VAL B 238 -9.38 -8.45 -13.41
N PHE B 239 -10.36 -8.00 -12.63
CA PHE B 239 -10.86 -8.80 -11.52
C PHE B 239 -12.07 -9.57 -12.04
N SER B 240 -11.93 -10.88 -12.14
CA SER B 240 -13.01 -11.71 -12.67
C SER B 240 -13.77 -12.52 -11.63
N VAL B 241 -15.08 -12.59 -11.81
CA VAL B 241 -15.91 -13.38 -10.92
C VAL B 241 -16.76 -14.29 -11.81
N THR B 242 -16.66 -15.58 -11.55
CA THR B 242 -17.40 -16.57 -12.32
C THR B 242 -18.42 -17.21 -11.39
N ILE B 243 -19.67 -17.25 -11.83
CA ILE B 243 -20.74 -17.84 -11.03
C ILE B 243 -21.33 -19.04 -11.75
N HIS B 244 -21.09 -20.23 -11.23
CA HIS B 244 -21.64 -21.46 -11.81
C HIS B 244 -22.97 -21.66 -11.09
N MET B 245 -24.05 -21.75 -11.85
CA MET B 245 -25.38 -21.89 -11.26
C MET B 245 -26.15 -23.11 -11.73
N LYS B 246 -26.97 -23.66 -10.83
CA LYS B 246 -27.77 -24.83 -11.15
C LYS B 246 -29.12 -24.74 -10.44
N GLU B 247 -30.17 -24.80 -11.25
CA GLU B 247 -31.55 -24.75 -10.76
C GLU B 247 -32.17 -26.13 -10.97
N THR B 248 -33.15 -26.47 -10.14
CA THR B 248 -33.84 -27.74 -10.25
C THR B 248 -35.35 -27.52 -10.36
N THR B 249 -35.92 -27.92 -11.49
CA THR B 249 -37.34 -27.76 -11.74
C THR B 249 -38.17 -28.64 -10.80
N ILE B 250 -39.47 -28.37 -10.78
CA ILE B 250 -40.40 -29.14 -9.95
C ILE B 250 -40.35 -30.60 -10.39
N ASP B 251 -39.96 -30.84 -11.64
CA ASP B 251 -39.88 -32.20 -12.19
C ASP B 251 -38.50 -32.86 -12.01
N GLY B 252 -37.59 -32.18 -11.32
CA GLY B 252 -36.27 -32.75 -11.09
C GLY B 252 -35.24 -32.44 -12.16
N GLU B 253 -35.65 -31.77 -13.23
CA GLU B 253 -34.75 -31.42 -14.31
C GLU B 253 -33.76 -30.36 -13.82
N GLU B 254 -32.50 -30.50 -14.22
CA GLU B 254 -31.47 -29.56 -13.82
C GLU B 254 -31.20 -28.52 -14.90
N LEU B 255 -31.14 -27.26 -14.49
CA LEU B 255 -30.88 -26.17 -15.42
C LEU B 255 -29.55 -25.54 -14.99
N VAL B 256 -28.57 -25.57 -15.89
CA VAL B 256 -27.26 -25.02 -15.59
C VAL B 256 -27.00 -23.67 -16.23
N LYS B 257 -26.53 -22.72 -15.41
CA LYS B 257 -26.24 -21.38 -15.87
C LYS B 257 -24.83 -20.98 -15.45
N ILE B 258 -24.16 -20.20 -16.29
CA ILE B 258 -22.81 -19.73 -16.01
C ILE B 258 -22.68 -18.25 -16.34
N GLY B 259 -22.46 -17.44 -15.31
CA GLY B 259 -22.31 -16.02 -15.51
C GLY B 259 -20.91 -15.55 -15.15
N LYS B 260 -20.41 -14.58 -15.92
CA LYS B 260 -19.07 -14.03 -15.69
C LYS B 260 -19.09 -12.51 -15.72
N LEU B 261 -18.36 -11.91 -14.78
CA LEU B 261 -18.27 -10.47 -14.68
C LEU B 261 -16.80 -10.04 -14.61
N ASN B 262 -16.40 -9.16 -15.51
CA ASN B 262 -15.03 -8.66 -15.52
C ASN B 262 -15.03 -7.20 -15.09
N LEU B 263 -14.27 -6.91 -14.05
CA LEU B 263 -14.17 -5.54 -13.56
C LEU B 263 -12.76 -5.11 -13.95
N VAL B 264 -12.69 -4.32 -15.01
CA VAL B 264 -11.42 -3.86 -15.57
C VAL B 264 -11.05 -2.44 -15.16
N ASP B 265 -9.94 -2.32 -14.44
CA ASP B 265 -9.42 -1.04 -13.96
C ASP B 265 -8.23 -0.77 -14.87
N LEU B 266 -8.44 0.08 -15.87
CA LEU B 266 -7.40 0.39 -16.85
C LEU B 266 -6.25 1.26 -16.32
N ALA B 267 -5.14 1.23 -17.04
CA ALA B 267 -3.98 2.05 -16.69
C ALA B 267 -4.41 3.50 -16.89
N GLY B 268 -3.80 4.40 -16.13
CA GLY B 268 -4.12 5.82 -16.24
C GLY B 268 -4.01 6.29 -17.68
N SER B 269 -5.01 7.06 -18.12
CA SER B 269 -5.08 7.55 -19.49
C SER B 269 -4.24 8.77 -19.87
N GLU B 270 -3.65 9.43 -18.88
CA GLU B 270 -2.86 10.63 -19.13
C GLU B 270 -1.70 10.46 -20.13
N ASN B 271 -1.43 11.52 -20.88
CA ASN B 271 -0.36 11.51 -21.86
C ASN B 271 0.83 12.34 -21.40
N ILE B 288 3.51 4.37 -24.51
CA ILE B 288 4.39 3.41 -23.86
C ILE B 288 3.59 2.22 -23.36
N ASN B 289 2.27 2.36 -23.42
CA ASN B 289 1.38 1.31 -22.97
C ASN B 289 0.71 0.67 -24.18
N GLN B 290 1.28 -0.43 -24.67
CA GLN B 290 0.74 -1.11 -25.84
C GLN B 290 -0.74 -1.48 -25.68
N SER B 291 -1.11 -2.00 -24.51
CA SER B 291 -2.49 -2.38 -24.27
C SER B 291 -3.46 -1.20 -24.29
N LEU B 292 -3.06 -0.09 -23.68
CA LEU B 292 -3.90 1.09 -23.64
C LEU B 292 -4.01 1.67 -25.05
N LEU B 293 -2.88 1.76 -25.72
CA LEU B 293 -2.85 2.28 -27.08
C LEU B 293 -3.74 1.42 -27.99
N THR B 294 -3.64 0.12 -27.84
CA THR B 294 -4.42 -0.79 -28.68
C THR B 294 -5.90 -0.68 -28.37
N LEU B 295 -6.24 -0.51 -27.09
CA LEU B 295 -7.64 -0.38 -26.71
C LEU B 295 -8.27 0.78 -27.48
N GLY B 296 -7.58 1.91 -27.51
CA GLY B 296 -8.09 3.06 -28.24
C GLY B 296 -8.24 2.80 -29.74
N ARG B 297 -7.32 2.03 -30.31
CA ARG B 297 -7.38 1.73 -31.73
C ARG B 297 -8.49 0.75 -32.06
N VAL B 298 -8.83 -0.11 -31.10
CA VAL B 298 -9.91 -1.06 -31.28
C VAL B 298 -11.24 -0.31 -31.26
N ILE B 299 -11.42 0.58 -30.28
CA ILE B 299 -12.65 1.36 -30.18
C ILE B 299 -12.84 2.17 -31.46
N THR B 300 -11.76 2.80 -31.90
CA THR B 300 -11.78 3.61 -33.11
C THR B 300 -12.24 2.80 -34.30
N ALA B 301 -11.68 1.60 -34.45
CA ALA B 301 -12.05 0.73 -35.56
C ALA B 301 -13.54 0.37 -35.45
N LEU B 302 -13.97 0.05 -34.23
CA LEU B 302 -15.36 -0.32 -34.01
C LEU B 302 -16.33 0.80 -34.32
N VAL B 303 -15.98 2.03 -33.93
CA VAL B 303 -16.84 3.18 -34.18
C VAL B 303 -16.84 3.62 -35.64
N GLU B 304 -15.70 3.47 -36.31
CA GLU B 304 -15.61 3.88 -37.71
C GLU B 304 -16.03 2.75 -38.65
N ARG B 305 -16.38 1.62 -38.07
CA ARG B 305 -16.81 0.45 -38.83
C ARG B 305 -15.77 -0.03 -39.82
N THR B 306 -14.53 -0.18 -39.37
CA THR B 306 -13.46 -0.67 -40.25
C THR B 306 -13.45 -2.18 -40.17
N PRO B 307 -13.38 -2.86 -41.33
CA PRO B 307 -13.36 -4.32 -41.40
C PRO B 307 -12.26 -4.97 -40.58
N HIS B 308 -11.28 -4.18 -40.15
CA HIS B 308 -10.17 -4.74 -39.36
C HIS B 308 -10.10 -4.12 -37.97
N VAL B 309 -10.19 -4.97 -36.96
CA VAL B 309 -10.10 -4.54 -35.56
C VAL B 309 -8.87 -5.23 -35.00
N PRO B 310 -7.88 -4.43 -34.57
CA PRO B 310 -6.60 -4.89 -34.01
C PRO B 310 -6.56 -5.55 -32.63
N TYR B 311 -7.57 -6.35 -32.30
CA TYR B 311 -7.63 -7.04 -31.01
C TYR B 311 -6.32 -7.74 -30.64
N ARG B 312 -5.68 -8.34 -31.64
CA ARG B 312 -4.45 -9.11 -31.43
C ARG B 312 -3.17 -8.33 -31.14
N GLU B 313 -3.21 -7.01 -31.30
CA GLU B 313 -2.02 -6.21 -31.07
C GLU B 313 -1.65 -5.95 -29.60
N SER B 314 -2.41 -6.52 -28.66
CA SER B 314 -2.09 -6.33 -27.25
C SER B 314 -2.71 -7.41 -26.35
N LYS B 315 -2.07 -7.67 -25.21
CA LYS B 315 -2.56 -8.69 -24.28
C LYS B 315 -3.94 -8.33 -23.75
N LEU B 316 -4.15 -7.05 -23.45
CA LEU B 316 -5.43 -6.63 -22.90
C LEU B 316 -6.61 -6.83 -23.86
N THR B 317 -6.45 -6.42 -25.12
CA THR B 317 -7.53 -6.54 -26.08
C THR B 317 -7.75 -7.98 -26.55
N ARG B 318 -6.71 -8.80 -26.47
CA ARG B 318 -6.87 -10.19 -26.85
C ARG B 318 -7.69 -10.84 -25.76
N ILE B 319 -7.38 -10.50 -24.50
CA ILE B 319 -8.08 -11.05 -23.36
C ILE B 319 -9.54 -10.58 -23.26
N LEU B 320 -9.80 -9.33 -23.62
CA LEU B 320 -11.15 -8.79 -23.51
C LEU B 320 -11.86 -8.60 -24.85
N GLN B 321 -11.39 -9.32 -25.88
CA GLN B 321 -11.96 -9.23 -27.22
C GLN B 321 -13.49 -9.28 -27.29
N ASP B 322 -14.09 -10.24 -26.59
CA ASP B 322 -15.54 -10.39 -26.60
C ASP B 322 -16.26 -9.18 -26.03
N SER B 323 -15.58 -8.46 -25.15
CA SER B 323 -16.15 -7.28 -24.52
C SER B 323 -16.11 -6.01 -25.37
N LEU B 324 -15.44 -6.07 -26.51
CA LEU B 324 -15.34 -4.91 -27.39
C LEU B 324 -15.98 -5.24 -28.75
N GLY B 325 -17.29 -4.97 -28.83
CA GLY B 325 -18.02 -5.25 -30.06
C GLY B 325 -18.30 -6.74 -30.19
N GLY B 326 -18.44 -7.42 -29.06
CA GLY B 326 -18.72 -8.85 -29.06
C GLY B 326 -20.06 -9.18 -28.43
N ARG B 327 -20.17 -10.37 -27.83
CA ARG B 327 -21.44 -10.80 -27.21
C ARG B 327 -21.55 -10.48 -25.72
N THR B 328 -20.51 -9.89 -25.16
CA THR B 328 -20.51 -9.53 -23.74
C THR B 328 -21.20 -8.18 -23.56
N ARG B 329 -22.00 -8.03 -22.50
CA ARG B 329 -22.67 -6.76 -22.24
C ARG B 329 -21.60 -5.87 -21.60
N THR B 330 -21.35 -4.71 -22.19
CA THR B 330 -20.31 -3.81 -21.71
C THR B 330 -20.72 -2.43 -21.22
N SER B 331 -19.98 -1.94 -20.24
CA SER B 331 -20.22 -0.64 -19.67
C SER B 331 -18.87 0.01 -19.34
N ILE B 332 -18.78 1.32 -19.53
CA ILE B 332 -17.56 2.04 -19.23
C ILE B 332 -17.85 3.18 -18.26
N ILE B 333 -17.10 3.23 -17.16
CA ILE B 333 -17.25 4.30 -16.21
C ILE B 333 -16.01 5.17 -16.42
N ALA B 334 -16.23 6.37 -16.94
CA ALA B 334 -15.13 7.31 -17.17
C ALA B 334 -15.05 8.22 -15.95
N THR B 335 -13.88 8.24 -15.31
CA THR B 335 -13.68 9.04 -14.11
C THR B 335 -12.94 10.33 -14.46
N ILE B 336 -13.30 11.43 -13.82
CA ILE B 336 -12.66 12.71 -14.11
C ILE B 336 -12.47 13.54 -12.84
N SER B 337 -11.64 14.56 -12.95
CA SER B 337 -11.36 15.47 -11.85
C SER B 337 -12.01 16.82 -12.14
N PRO B 338 -12.45 17.52 -11.08
CA PRO B 338 -13.09 18.83 -11.21
C PRO B 338 -12.09 19.98 -11.20
N ALA B 339 -10.81 19.64 -11.02
CA ALA B 339 -9.73 20.62 -10.93
C ALA B 339 -9.38 21.28 -12.26
N SER B 340 -9.26 22.60 -12.24
CA SER B 340 -8.91 23.38 -13.43
C SER B 340 -7.55 22.95 -13.96
N LEU B 341 -6.70 22.48 -13.06
CA LEU B 341 -5.36 22.03 -13.42
C LEU B 341 -5.43 20.85 -14.39
N ASN B 342 -6.38 19.95 -14.17
CA ASN B 342 -6.55 18.77 -15.02
C ASN B 342 -7.52 18.95 -16.17
N LEU B 343 -7.70 20.19 -16.62
CA LEU B 343 -8.61 20.50 -17.71
C LEU B 343 -8.40 19.66 -18.97
N GLU B 344 -7.21 19.74 -19.54
CA GLU B 344 -6.89 19.02 -20.77
C GLU B 344 -7.08 17.49 -20.75
N GLU B 345 -6.73 16.86 -19.64
CA GLU B 345 -6.86 15.41 -19.56
C GLU B 345 -8.32 15.04 -19.34
N THR B 346 -9.07 15.94 -18.70
CA THR B 346 -10.49 15.73 -18.45
C THR B 346 -11.24 15.76 -19.78
N LEU B 347 -10.87 16.70 -20.64
CA LEU B 347 -11.51 16.81 -21.95
C LEU B 347 -11.16 15.60 -22.82
N SER B 348 -9.94 15.10 -22.66
CA SER B 348 -9.50 13.94 -23.43
C SER B 348 -10.30 12.73 -22.99
N THR B 349 -10.53 12.60 -21.69
CA THR B 349 -11.30 11.47 -21.19
C THR B 349 -12.75 11.53 -21.68
N LEU B 350 -13.39 12.68 -21.52
CA LEU B 350 -14.77 12.81 -21.97
C LEU B 350 -14.92 12.53 -23.47
N GLU B 351 -14.00 13.06 -24.29
CA GLU B 351 -14.06 12.83 -25.73
C GLU B 351 -13.91 11.34 -26.02
N TYR B 352 -12.98 10.70 -25.32
CA TYR B 352 -12.76 9.27 -25.50
C TYR B 352 -14.04 8.48 -25.13
N ALA B 353 -14.60 8.78 -23.96
CA ALA B 353 -15.79 8.12 -23.49
C ALA B 353 -17.00 8.37 -24.40
N HIS B 354 -17.12 9.60 -24.90
CA HIS B 354 -18.22 9.96 -25.78
C HIS B 354 -18.20 9.16 -27.07
N ARG B 355 -17.00 8.98 -27.63
CA ARG B 355 -16.86 8.20 -28.85
C ARG B 355 -17.25 6.76 -28.60
N ALA B 356 -16.81 6.22 -27.46
CA ALA B 356 -17.09 4.84 -27.11
C ALA B 356 -18.58 4.51 -27.09
N LYS B 357 -19.40 5.54 -26.87
CA LYS B 357 -20.85 5.35 -26.84
C LYS B 357 -21.39 4.68 -28.10
N ASN B 358 -20.70 4.91 -29.22
CA ASN B 358 -21.10 4.36 -30.51
C ASN B 358 -20.74 2.90 -30.72
N ILE B 359 -20.25 2.23 -29.69
CA ILE B 359 -19.89 0.83 -29.84
C ILE B 359 -21.13 -0.01 -29.57
N LEU B 360 -21.37 -1.00 -30.43
CA LEU B 360 -22.53 -1.87 -30.28
C LEU B 360 -22.11 -3.30 -29.98
N ASN B 361 -22.66 -3.85 -28.90
CA ASN B 361 -22.39 -5.24 -28.50
C ASN B 361 -23.67 -6.05 -28.72
N LYS B 362 -23.54 -7.37 -28.70
CA LYS B 362 -24.70 -8.25 -28.88
C LYS B 362 -24.65 -9.43 -27.92
PB ADP C . 11.68 -5.10 5.57
O1B ADP C . 11.87 -5.00 4.11
O2B ADP C . 12.95 -5.45 6.31
O3B ADP C . 10.96 -3.83 6.12
PA ADP C . 9.23 -6.41 6.27
O1A ADP C . 9.17 -5.98 7.70
O2A ADP C . 8.35 -5.68 5.33
O3A ADP C . 10.70 -6.33 5.74
O5' ADP C . 8.96 -7.97 6.35
C5' ADP C . 8.95 -8.80 5.17
C4' ADP C . 7.79 -9.80 5.14
O4' ADP C . 8.00 -10.88 6.10
C3' ADP C . 6.40 -9.26 5.49
O3' ADP C . 5.46 -9.91 4.62
C2' ADP C . 6.25 -9.57 6.98
O2' ADP C . 4.90 -9.84 7.38
C1' ADP C . 7.10 -10.84 7.19
N9 ADP C . 7.85 -10.83 8.51
C8 ADP C . 8.93 -10.11 8.88
N7 ADP C . 9.34 -10.36 10.14
C5 ADP C . 8.45 -11.29 10.58
C6 ADP C . 8.33 -11.98 11.87
N6 ADP C . 9.09 -11.83 12.89
N1 ADP C . 7.26 -12.88 11.94
C2 ADP C . 6.40 -13.10 10.88
N3 ADP C . 6.49 -12.48 9.70
C4 ADP C . 7.52 -11.59 9.59
N1 EMQ D . -0.32 -2.04 7.10
C2 EMQ D . 3.19 4.02 10.13
C3 EMQ D . 3.82 3.53 11.29
C4 EMQ D . 3.31 2.42 11.96
C5 EMQ D . 2.03 3.39 9.65
C6 EMQ D . 1.51 2.28 10.32
C7 EMQ D . 2.15 1.79 11.49
N8 EMQ D . 1.63 0.67 12.19
C9 EMQ D . 0.43 -0.06 11.67
C10 EMQ D . 0.26 1.62 9.79
C11 EMQ D . -0.51 0.92 10.92
C12 EMQ D . -1.77 0.22 10.35
C13 EMQ D . -1.48 -0.59 9.07
C14 EMQ D . -0.58 0.23 8.10
O15 EMQ D . 0.62 0.66 8.78
C16 EMQ D . -0.32 -0.70 12.83
C17 EMQ D . -0.37 -2.09 12.90
C18 EMQ D . -1.05 -2.73 13.96
C19 EMQ D . -1.68 -1.98 14.95
C20 EMQ D . -1.63 -0.57 14.89
C21 EMQ D . -0.95 0.08 13.84
C22 EMQ D . 3.76 5.24 9.41
F23 EMQ D . 5.15 5.27 9.58
F24 EMQ D . 3.44 5.22 8.05
F25 EMQ D . 3.20 6.39 9.99
C26 EMQ D . -0.20 -0.60 6.83
C27 EMQ D . -1.37 -2.78 6.64
N28 EMQ D . -1.42 -4.09 6.98
O29 EMQ D . -2.27 -2.25 5.95
C30 EMQ D . -2.54 -4.94 6.58
C31 EMQ D . -2.05 -6.15 5.76
N32 EMQ D . -2.96 -7.32 5.92
C33 EMQ D . -4.26 -6.94 5.38
C34 EMQ D . -2.47 -8.39 5.04
PB ADP E . -7.03 6.16 -9.75
O1B ADP E . -5.61 6.48 -9.97
O2B ADP E . -7.92 6.66 -10.84
O3B ADP E . -7.23 4.63 -9.45
PA ADP E . -7.89 6.48 -7.04
O1A ADP E . -9.17 5.67 -7.20
O2A ADP E . -6.76 5.76 -6.35
O3A ADP E . -7.41 6.96 -8.45
O5' ADP E . -8.36 7.82 -6.34
C5' ADP E . -7.38 8.85 -6.04
C4' ADP E . -7.55 9.48 -4.65
O4' ADP E . -8.76 10.29 -4.59
C3' ADP E . -7.67 8.53 -3.45
O3' ADP E . -6.96 9.13 -2.34
C2' ADP E . -9.19 8.39 -3.27
O2' ADP E . -9.60 8.18 -1.93
C1' ADP E . -9.76 9.72 -3.75
N9 ADP E . -11.07 9.57 -4.48
C8 ADP E . -11.29 9.17 -5.74
N7 ADP E . -12.60 9.17 -6.07
C5 ADP E . -13.23 9.60 -4.95
C6 ADP E . -14.63 9.83 -4.65
N6 ADP E . -15.61 9.64 -5.45
N1 ADP E . -14.87 10.28 -3.36
C2 ADP E . -13.86 10.51 -2.42
N3 ADP E . -12.56 10.32 -2.69
C4 ADP E . -12.29 9.87 -3.94
N1 EMQ F . -6.86 -0.64 1.34
C2 EMQ F . -9.07 -5.79 -4.27
C3 EMQ F . -10.38 -5.53 -4.75
C4 EMQ F . -11.33 -4.91 -3.94
C5 EMQ F . -8.70 -5.40 -2.97
C6 EMQ F . -9.66 -4.77 -2.17
C7 EMQ F . -10.97 -4.52 -2.66
N8 EMQ F . -11.93 -3.89 -1.85
C9 EMQ F . -11.55 -3.28 -0.57
C10 EMQ F . -9.26 -4.35 -0.79
C11 EMQ F . -10.50 -4.20 0.11
C12 EMQ F . -10.01 -3.71 1.50
C13 EMQ F . -9.10 -2.47 1.38
C14 EMQ F . -8.00 -2.63 0.29
O15 EMQ F . -8.59 -3.06 -0.96
C16 EMQ F . -12.77 -3.14 0.31
C17 EMQ F . -13.07 -1.86 0.76
C18 EMQ F . -14.18 -1.65 1.59
C19 EMQ F . -14.99 -2.74 1.98
C20 EMQ F . -14.68 -4.05 1.54
C21 EMQ F . -13.57 -4.25 0.69
C22 EMQ F . -8.05 -6.50 -5.16
F23 EMQ F . -8.28 -6.12 -6.48
F24 EMQ F . -6.74 -6.11 -4.83
F25 EMQ F . -8.16 -7.87 -5.04
C26 EMQ F . -7.26 -1.32 0.09
C27 EMQ F . -7.55 0.45 1.85
N28 EMQ F . -7.17 1.04 3.00
O29 EMQ F . -8.51 0.92 1.29
C30 EMQ F . -7.89 2.25 3.51
C31 EMQ F . -6.86 3.17 4.22
N32 EMQ F . -6.81 4.54 3.65
C33 EMQ F . -6.68 5.44 4.83
C34 EMQ F . -5.52 4.65 3.00
#